data_2IAH
#
_entry.id   2IAH
#
_cell.length_a   82.123
_cell.length_b   82.123
_cell.length_c   286.225
_cell.angle_alpha   90.00
_cell.angle_beta   90.00
_cell.angle_gamma   90.00
#
_symmetry.space_group_name_H-M   'P 41 21 2'
#
loop_
_entity.id
_entity.type
_entity.pdbx_description
1 polymer 'Ferripyoverdine receptor'
2 polymer 'Pyoverdin C-E'
3 non-polymer 'SULFATE ION'
4 non-polymer (1S)-1-CARBOXY-5-[(3-CARBOXYPROPANOYL)AMINO]-8,9-DIHYDROXY-1,2,3,4-TETRAHYDROPYRIMIDO[1,2-A]QUINOLIN-11-IUM
5 non-polymer 'FE (III) ION'
#
loop_
_entity_poly.entity_id
_entity_poly.type
_entity_poly.pdbx_seq_one_letter_code
_entity_poly.pdbx_strand_id
1 'polypeptide(L)'
;QEVEFDIPPQALGSALQEFGRQADIQVLYRPEEVRNKRSSAIKGKLEPNQAITELLRGTGASVDFQGNAITISVAEAADS
SVDLGATMITSNQLGTITEDSGSYTPGTIATATRLVLTPRETPQSITVVTRQNMDDFGLNNIDDVMRHTPGITVSAYDTD
RNNYYARGFSINNFQYDGIPSTARNVGYSAGNTLSDMAIYDRVEVLKGATGLLTGAGSLGATINLIRKKPTHEFKGHVEL
GAGSWDNYRSELDVSGPLTESGNVRGRAVAAYQDKHSFMDHYERKTSVYYGILEFDLNPDTMLTVGADYQDNDPKGSGWS
GSFPLFDSQGNRNDVSRSFNNGAKWSSWEQYTRTVFANLEHNFANGWVGKVQLDHKINGYHAPLGAIMGDWPAPDNSAKI
VAQKYTGETKSNSLDIYLTGPFQFLGREHELVVGTSASFSHWEGKSYWNLRNYDNTTDDFINWDGDIGKPDWGTPSQYID
DKTRQLGSYMTARFNVTDDLNLFLGGRVVDYRVTGLNPTIRESGRFIPYVGAVYDLNDTYSVYASYTDIFMPQDSWYRDS
SNKLLEPDEGQNYEIGIKGEYLDGRLNTSLAYFEIHEENRAEEDALYNSKPTNPAITYAYKGIKAKTKGYEAEISGELAP
GWQVQAGYTHKIIRDDSGKKVSTWEPQDQLSLYTSYKFKGALDKLTVGGGARWQGKSWQMVYNNPRSRWEKFSQEDYWLV
DLMARYQITDKLSASVNVNNVFDKTYYTNIGFYTSASYGDPRNLMFSTRWDF
;
A
2 'polypeptide(L)' (DSN)R(DSN)(FHO)K(FHO)TT I
#
# COMPACT_ATOMS: atom_id res chain seq x y z
N GLN A 1 -3.54 -17.20 -51.45
CA GLN A 1 -4.44 -18.24 -52.01
C GLN A 1 -5.76 -18.31 -51.23
N GLU A 2 -6.83 -18.68 -51.94
CA GLU A 2 -8.15 -18.87 -51.34
C GLU A 2 -8.34 -20.31 -50.90
N VAL A 3 -8.78 -20.50 -49.65
CA VAL A 3 -8.96 -21.83 -49.07
C VAL A 3 -10.44 -22.08 -48.80
N GLU A 4 -10.85 -23.35 -48.83
CA GLU A 4 -12.24 -23.71 -48.54
C GLU A 4 -12.43 -24.08 -47.06
N PHE A 5 -13.45 -23.48 -46.44
CA PHE A 5 -13.68 -23.60 -45.00
C PHE A 5 -15.03 -24.20 -44.64
N ASP A 6 -15.08 -24.85 -43.48
CA ASP A 6 -16.32 -25.37 -42.90
C ASP A 6 -16.16 -25.52 -41.39
N ILE A 7 -16.49 -24.47 -40.65
CA ILE A 7 -16.37 -24.47 -39.18
C ILE A 7 -17.66 -23.95 -38.51
N PRO A 8 -18.47 -24.87 -37.95
CA PRO A 8 -19.70 -24.54 -37.23
C PRO A 8 -19.44 -23.89 -35.85
N PRO A 9 -20.49 -23.33 -35.22
CA PRO A 9 -20.34 -22.71 -33.89
C PRO A 9 -19.91 -23.71 -32.80
N GLN A 10 -18.86 -23.32 -32.06
CA GLN A 10 -18.33 -24.11 -30.94
C GLN A 10 -17.54 -23.18 -30.01
N ALA A 11 -17.10 -23.72 -28.87
CA ALA A 11 -16.24 -22.99 -27.93
C ALA A 11 -15.00 -22.48 -28.66
N LEU A 12 -14.78 -21.17 -28.58
CA LEU A 12 -13.80 -20.46 -29.43
C LEU A 12 -12.46 -21.18 -29.65
N GLY A 13 -11.88 -21.74 -28.59
CA GLY A 13 -10.55 -22.36 -28.62
C GLY A 13 -10.45 -23.60 -29.51
N SER A 14 -11.54 -24.36 -29.60
CA SER A 14 -11.61 -25.53 -30.45
C SER A 14 -11.65 -25.12 -31.92
N ALA A 15 -12.33 -24.01 -32.20
CA ALA A 15 -12.46 -23.47 -33.56
C ALA A 15 -11.17 -22.82 -34.07
N LEU A 16 -10.35 -22.33 -33.15
CA LEU A 16 -9.04 -21.78 -33.50
C LEU A 16 -8.06 -22.90 -33.86
N GLN A 17 -8.10 -23.98 -33.05
CA GLN A 17 -7.29 -25.17 -33.30
C GLN A 17 -7.65 -25.85 -34.61
N GLU A 18 -8.94 -25.77 -34.98
CA GLU A 18 -9.43 -26.35 -36.22
C GLU A 18 -9.27 -25.42 -37.42
N PHE A 19 -9.16 -24.12 -37.14
CA PHE A 19 -8.86 -23.12 -38.18
C PHE A 19 -7.47 -23.37 -38.77
N GLY A 20 -6.51 -23.65 -37.90
CA GLY A 20 -5.13 -23.92 -38.31
C GLY A 20 -5.02 -25.09 -39.28
N ARG A 21 -5.77 -26.15 -39.00
CA ARG A 21 -5.85 -27.31 -39.87
C ARG A 21 -6.51 -26.99 -41.22
N GLN A 22 -7.55 -26.16 -41.19
CA GLN A 22 -8.30 -25.82 -42.40
C GLN A 22 -7.77 -24.61 -43.17
N ALA A 23 -6.61 -24.10 -42.76
CA ALA A 23 -6.00 -22.95 -43.42
C ALA A 23 -4.48 -23.09 -43.56
N ASP A 24 -3.94 -24.21 -43.07
CA ASP A 24 -2.49 -24.48 -43.03
C ASP A 24 -1.71 -23.34 -42.37
N ILE A 25 -2.19 -22.90 -41.20
CA ILE A 25 -1.56 -21.83 -40.44
C ILE A 25 -1.39 -22.22 -38.98
N GLN A 26 -0.37 -21.68 -38.32
CA GLN A 26 -0.19 -21.89 -36.89
C GLN A 26 -0.96 -20.83 -36.11
N VAL A 27 -1.74 -21.26 -35.12
CA VAL A 27 -2.56 -20.32 -34.34
C VAL A 27 -2.13 -20.24 -32.87
N LEU A 28 -1.74 -19.04 -32.47
CA LEU A 28 -1.27 -18.77 -31.11
C LEU A 28 -2.27 -17.89 -30.35
N TYR A 29 -2.77 -18.43 -29.24
CA TYR A 29 -3.82 -17.76 -28.46
C TYR A 29 -3.74 -18.14 -26.98
N ARG A 30 -4.15 -17.21 -26.12
CA ARG A 30 -4.20 -17.45 -24.68
C ARG A 30 -5.56 -18.06 -24.31
N PRO A 31 -5.56 -19.32 -23.84
CA PRO A 31 -6.79 -20.04 -23.49
C PRO A 31 -7.74 -19.29 -22.55
N GLU A 32 -7.18 -18.54 -21.60
CA GLU A 32 -7.99 -17.79 -20.63
C GLU A 32 -8.73 -16.59 -21.23
N GLU A 33 -8.18 -16.03 -22.30
CA GLU A 33 -8.84 -14.95 -23.05
C GLU A 33 -9.94 -15.50 -23.95
N VAL A 34 -10.04 -16.82 -24.02
CA VAL A 34 -10.83 -17.49 -25.05
C VAL A 34 -11.90 -18.43 -24.48
N ARG A 35 -11.68 -18.90 -23.25
CA ARG A 35 -12.62 -19.81 -22.57
C ARG A 35 -14.04 -19.23 -22.45
N ASN A 36 -14.10 -17.91 -22.27
CA ASN A 36 -15.37 -17.20 -22.14
C ASN A 36 -16.09 -17.06 -23.49
N LYS A 37 -15.33 -16.76 -24.53
CA LYS A 37 -15.90 -16.45 -25.85
C LYS A 37 -16.34 -17.70 -26.64
N ARG A 38 -17.02 -17.48 -27.76
CA ARG A 38 -17.58 -18.55 -28.59
C ARG A 38 -17.52 -18.17 -30.07
N SER A 39 -17.21 -19.15 -30.92
CA SER A 39 -16.97 -18.91 -32.35
C SER A 39 -18.26 -18.87 -33.18
N SER A 40 -18.35 -17.89 -34.08
CA SER A 40 -19.49 -17.78 -34.99
C SER A 40 -19.25 -18.62 -36.23
N ALA A 41 -20.33 -19.01 -36.89
CA ALA A 41 -20.28 -19.93 -38.03
C ALA A 41 -19.68 -19.30 -39.28
N ILE A 42 -18.78 -20.04 -39.93
CA ILE A 42 -18.24 -19.66 -41.24
C ILE A 42 -18.31 -20.83 -42.24
N LYS A 43 -18.78 -20.53 -43.45
CA LYS A 43 -18.88 -21.52 -44.52
C LYS A 43 -18.64 -20.88 -45.89
N GLY A 44 -17.67 -21.42 -46.62
CA GLY A 44 -17.37 -20.94 -47.97
C GLY A 44 -15.90 -21.01 -48.34
N LYS A 45 -15.58 -20.64 -49.59
CA LYS A 45 -14.20 -20.58 -50.07
C LYS A 45 -13.68 -19.15 -49.93
N LEU A 46 -12.91 -18.91 -48.88
CA LEU A 46 -12.48 -17.54 -48.53
C LEU A 46 -10.97 -17.38 -48.34
N GLU A 47 -10.53 -16.13 -48.45
CA GLU A 47 -9.17 -15.75 -48.12
C GLU A 47 -8.94 -15.83 -46.60
N PRO A 48 -7.79 -16.37 -46.17
CA PRO A 48 -7.48 -16.58 -44.74
C PRO A 48 -7.71 -15.34 -43.85
N ASN A 49 -7.20 -14.19 -44.29
CA ASN A 49 -7.34 -12.93 -43.54
C ASN A 49 -8.81 -12.50 -43.40
N GLN A 50 -9.57 -12.68 -44.48
CA GLN A 50 -11.00 -12.36 -44.48
C GLN A 50 -11.81 -13.36 -43.65
N ALA A 51 -11.45 -14.65 -43.76
CA ALA A 51 -12.14 -15.73 -43.04
C ALA A 51 -11.97 -15.64 -41.51
N ILE A 52 -10.79 -15.23 -41.06
CA ILE A 52 -10.50 -15.14 -39.63
C ILE A 52 -11.25 -13.97 -38.98
N THR A 53 -11.44 -12.88 -39.72
CA THR A 53 -12.18 -11.71 -39.24
C THR A 53 -13.66 -12.04 -39.09
N GLU A 54 -14.20 -12.79 -40.05
CA GLU A 54 -15.60 -13.23 -40.03
C GLU A 54 -15.87 -14.17 -38.86
N LEU A 55 -14.91 -15.06 -38.60
CA LEU A 55 -14.96 -16.01 -37.49
C LEU A 55 -15.02 -15.29 -36.13
N LEU A 56 -14.21 -14.25 -35.98
CA LEU A 56 -14.10 -13.50 -34.72
C LEU A 56 -15.05 -12.30 -34.61
N ARG A 57 -16.14 -12.33 -35.38
CA ARG A 57 -17.13 -11.26 -35.34
C ARG A 57 -17.84 -11.22 -33.99
N GLY A 58 -18.09 -10.00 -33.50
CA GLY A 58 -18.80 -9.78 -32.25
C GLY A 58 -18.04 -10.10 -30.98
N THR A 59 -16.72 -10.16 -31.07
CA THR A 59 -15.87 -10.47 -29.91
C THR A 59 -14.85 -9.36 -29.60
N GLY A 60 -14.56 -8.52 -30.60
CA GLY A 60 -13.58 -7.44 -30.46
C GLY A 60 -12.15 -7.92 -30.25
N ALA A 61 -11.79 -9.03 -30.89
CA ALA A 61 -10.47 -9.63 -30.72
C ALA A 61 -9.53 -9.22 -31.85
N SER A 62 -8.34 -8.76 -31.49
CA SER A 62 -7.33 -8.34 -32.46
C SER A 62 -6.63 -9.53 -33.10
N VAL A 63 -6.32 -9.40 -34.39
CA VAL A 63 -5.54 -10.39 -35.11
C VAL A 63 -4.30 -9.70 -35.67
N ASP A 64 -3.13 -10.28 -35.41
CA ASP A 64 -1.89 -9.74 -35.91
C ASP A 64 -1.19 -10.77 -36.79
N PHE A 65 -1.04 -10.44 -38.07
CA PHE A 65 -0.43 -11.35 -39.05
C PHE A 65 1.08 -11.15 -39.18
N GLN A 66 1.84 -12.20 -38.90
CA GLN A 66 3.29 -12.20 -39.05
C GLN A 66 3.82 -13.59 -39.45
N GLY A 67 4.46 -13.65 -40.63
CA GLY A 67 5.00 -14.91 -41.16
C GLY A 67 3.91 -15.85 -41.64
N ASN A 68 4.03 -17.12 -41.29
CA ASN A 68 3.02 -18.12 -41.62
C ASN A 68 2.19 -18.50 -40.39
N ALA A 69 2.09 -17.55 -39.45
CA ALA A 69 1.33 -17.72 -38.21
C ALA A 69 0.58 -16.43 -37.84
N ILE A 70 -0.49 -16.58 -37.07
CA ILE A 70 -1.29 -15.45 -36.57
C ILE A 70 -1.54 -15.51 -35.07
N THR A 71 -1.49 -14.36 -34.41
CA THR A 71 -1.73 -14.26 -32.95
C THR A 71 -3.04 -13.53 -32.64
N ILE A 72 -3.72 -14.00 -31.59
CA ILE A 72 -5.03 -13.48 -31.18
C ILE A 72 -4.99 -12.94 -29.76
N SER A 73 -5.43 -11.69 -29.58
CA SER A 73 -5.54 -11.09 -28.25
C SER A 73 -6.97 -10.57 -28.01
N VAL A 74 -7.52 -10.91 -26.84
CA VAL A 74 -8.86 -10.45 -26.46
C VAL A 74 -8.77 -9.44 -25.32
N ALA A 75 -8.29 -8.24 -25.66
CA ALA A 75 -8.12 -7.15 -24.69
C ALA A 75 -8.30 -5.79 -25.38
N THR A 96 -9.43 -2.02 -15.91
CA THR A 96 -8.20 -1.72 -15.12
C THR A 96 -8.43 -0.54 -14.18
N ILE A 97 -8.92 0.57 -14.74
CA ILE A 97 -9.26 1.76 -13.96
C ILE A 97 -10.53 1.49 -13.15
N THR A 98 -10.51 1.88 -11.88
CA THR A 98 -11.60 1.59 -10.97
C THR A 98 -12.62 2.72 -10.85
N GLU A 99 -12.17 3.95 -11.15
CA GLU A 99 -13.01 5.14 -11.09
C GLU A 99 -14.30 4.97 -11.90
N ASP A 100 -15.44 5.25 -11.27
CA ASP A 100 -16.76 5.17 -11.89
C ASP A 100 -17.15 3.76 -12.35
N SER A 101 -16.84 2.76 -11.52
CA SER A 101 -17.18 1.37 -11.83
C SER A 101 -18.36 0.88 -11.01
N GLY A 102 -18.54 1.48 -9.83
CA GLY A 102 -19.56 1.05 -8.89
C GLY A 102 -19.15 -0.21 -8.14
N SER A 103 -17.93 -0.67 -8.38
CA SER A 103 -17.44 -1.94 -7.87
C SER A 103 -16.44 -1.80 -6.72
N TYR A 104 -16.46 -2.75 -5.80
CA TYR A 104 -15.40 -2.88 -4.80
C TYR A 104 -14.36 -3.94 -5.19
N THR A 105 -14.38 -4.40 -6.44
CA THR A 105 -13.40 -5.37 -6.92
C THR A 105 -12.58 -4.83 -8.10
N PRO A 106 -11.28 -5.19 -8.17
CA PRO A 106 -10.46 -4.70 -9.27
C PRO A 106 -10.72 -5.42 -10.59
N GLY A 107 -10.27 -4.82 -11.68
CA GLY A 107 -10.34 -5.46 -13.00
C GLY A 107 -9.08 -6.23 -13.28
N THR A 108 -7.96 -5.50 -13.41
CA THR A 108 -6.68 -6.11 -13.74
C THR A 108 -5.55 -5.54 -12.90
N ILE A 109 -4.58 -6.40 -12.56
CA ILE A 109 -3.47 -6.03 -11.70
C ILE A 109 -2.14 -6.34 -12.38
N ALA A 110 -1.26 -5.34 -12.45
CA ALA A 110 0.09 -5.51 -12.98
C ALA A 110 1.15 -5.16 -11.93
N THR A 111 0.78 -5.33 -10.66
CA THR A 111 1.65 -4.96 -9.55
C THR A 111 2.69 -6.04 -9.24
N ALA A 112 2.28 -7.30 -9.41
CA ALA A 112 3.09 -8.46 -9.05
C ALA A 112 4.29 -8.68 -9.98
N THR A 113 4.04 -8.79 -11.27
CA THR A 113 5.07 -9.15 -12.26
C THR A 113 5.20 -8.16 -13.40
N ARG A 114 4.23 -7.24 -13.49
CA ARG A 114 4.11 -6.30 -14.62
C ARG A 114 3.15 -6.84 -15.70
N LEU A 115 2.96 -8.16 -15.70
CA LEU A 115 1.98 -8.83 -16.57
C LEU A 115 0.57 -8.52 -16.11
N VAL A 116 -0.26 -8.05 -17.04
CA VAL A 116 -1.60 -7.56 -16.71
C VAL A 116 -2.55 -8.74 -16.53
N LEU A 117 -2.80 -9.11 -15.27
CA LEU A 117 -3.57 -10.31 -14.94
C LEU A 117 -4.84 -10.04 -14.09
N THR A 118 -5.75 -11.02 -14.09
CA THR A 118 -6.91 -11.01 -13.20
C THR A 118 -6.45 -11.50 -11.83
N PRO A 119 -7.20 -11.15 -10.76
CA PRO A 119 -6.93 -11.69 -9.42
C PRO A 119 -6.74 -13.21 -9.39
N ARG A 120 -7.64 -13.93 -10.06
CA ARG A 120 -7.64 -15.39 -10.13
C ARG A 120 -6.41 -15.96 -10.86
N GLU A 121 -5.85 -15.17 -11.78
CA GLU A 121 -4.66 -15.57 -12.51
C GLU A 121 -3.38 -15.37 -11.69
N THR A 122 -3.46 -14.52 -10.67
CA THR A 122 -2.28 -14.16 -9.86
C THR A 122 -2.08 -15.09 -8.65
N PRO A 123 -0.91 -15.75 -8.56
CA PRO A 123 -0.63 -16.70 -7.49
C PRO A 123 -0.06 -16.05 -6.22
N GLN A 124 -0.76 -15.04 -5.70
CA GLN A 124 -0.32 -14.32 -4.51
C GLN A 124 -1.51 -13.76 -3.75
N SER A 125 -1.30 -13.38 -2.49
CA SER A 125 -2.29 -12.60 -1.77
C SER A 125 -2.22 -11.16 -2.27
N ILE A 126 -3.36 -10.64 -2.70
CA ILE A 126 -3.44 -9.26 -3.16
C ILE A 126 -4.82 -8.65 -2.89
N THR A 127 -4.83 -7.44 -2.33
CA THR A 127 -6.07 -6.81 -1.88
C THR A 127 -6.15 -5.38 -2.40
N VAL A 128 -7.26 -5.05 -3.05
CA VAL A 128 -7.43 -3.74 -3.69
C VAL A 128 -8.61 -2.96 -3.10
N VAL A 129 -8.34 -1.72 -2.71
CA VAL A 129 -9.37 -0.78 -2.27
C VAL A 129 -9.68 0.18 -3.42
N THR A 130 -10.92 0.15 -3.90
CA THR A 130 -11.30 0.83 -5.15
C THR A 130 -11.79 2.27 -4.97
N ARG A 131 -11.68 3.07 -6.03
CA ARG A 131 -12.14 4.45 -6.04
C ARG A 131 -13.56 4.57 -5.49
N GLN A 132 -14.41 3.61 -5.85
CA GLN A 132 -15.79 3.60 -5.41
C GLN A 132 -15.88 3.41 -3.90
N ASN A 133 -15.12 2.44 -3.39
CA ASN A 133 -15.01 2.18 -1.95
C ASN A 133 -14.52 3.42 -1.22
N MET A 134 -13.57 4.13 -1.81
CA MET A 134 -13.03 5.35 -1.23
C MET A 134 -14.05 6.48 -1.24
N ASP A 135 -14.74 6.64 -2.36
CA ASP A 135 -15.78 7.66 -2.47
C ASP A 135 -16.94 7.36 -1.52
N ASP A 136 -17.40 6.11 -1.52
CA ASP A 136 -18.55 5.67 -0.70
C ASP A 136 -18.37 5.88 0.80
N PHE A 137 -17.17 5.60 1.29
CA PHE A 137 -16.91 5.65 2.73
C PHE A 137 -16.09 6.87 3.15
N GLY A 138 -15.90 7.80 2.21
CA GLY A 138 -15.21 9.07 2.49
C GLY A 138 -13.80 8.94 3.01
N LEU A 139 -13.08 7.92 2.54
CA LEU A 139 -11.69 7.69 2.94
C LEU A 139 -10.78 8.67 2.20
N ASN A 140 -10.24 9.64 2.95
CA ASN A 140 -9.54 10.77 2.35
C ASN A 140 -8.01 10.67 2.35
N ASN A 141 -7.45 9.98 3.35
CA ASN A 141 -6.01 9.70 3.37
C ASN A 141 -5.69 8.20 3.52
N ILE A 142 -4.42 7.83 3.37
CA ILE A 142 -4.01 6.41 3.42
C ILE A 142 -4.38 5.71 4.74
N ASP A 143 -4.38 6.46 5.83
CA ASP A 143 -4.75 5.91 7.14
C ASP A 143 -6.17 5.36 7.12
N ASP A 144 -7.12 6.17 6.67
CA ASP A 144 -8.51 5.76 6.55
C ASP A 144 -8.64 4.51 5.68
N VAL A 145 -7.85 4.46 4.62
CA VAL A 145 -7.89 3.33 3.69
C VAL A 145 -7.45 2.03 4.37
N MET A 146 -6.32 2.09 5.08
CA MET A 146 -5.81 0.94 5.84
C MET A 146 -6.77 0.49 6.92
N ARG A 147 -7.40 1.45 7.60
CA ARG A 147 -8.41 1.15 8.64
C ARG A 147 -9.65 0.46 8.06
N HIS A 148 -9.65 0.26 6.73
CA HIS A 148 -10.73 -0.42 6.03
C HIS A 148 -10.23 -1.57 5.13
N THR A 149 -8.96 -1.95 5.27
CA THR A 149 -8.36 -3.02 4.47
C THR A 149 -8.29 -4.35 5.23
N PRO A 150 -9.01 -5.37 4.75
CA PRO A 150 -9.35 -6.60 5.50
C PRO A 150 -8.30 -7.18 6.45
N GLY A 151 -7.10 -7.48 5.96
CA GLY A 151 -6.10 -8.18 6.77
C GLY A 151 -5.11 -7.29 7.49
N ILE A 152 -5.48 -6.03 7.71
CA ILE A 152 -4.54 -5.04 8.22
C ILE A 152 -4.94 -4.46 9.59
N THR A 153 -3.95 -4.33 10.46
CA THR A 153 -4.13 -3.78 11.79
C THR A 153 -3.39 -2.46 11.90
N VAL A 154 -4.12 -1.40 12.25
CA VAL A 154 -3.54 -0.06 12.37
C VAL A 154 -3.32 0.31 13.84
N SER A 155 -2.05 0.51 14.20
CA SER A 155 -1.67 0.96 15.53
C SER A 155 -0.99 2.32 15.45
N ALA A 156 -0.95 3.04 16.55
CA ALA A 156 -0.40 4.40 16.57
C ALA A 156 0.97 4.49 17.25
N TYR A 157 1.78 5.47 16.82
CA TYR A 157 2.96 5.88 17.56
C TYR A 157 2.65 7.19 18.28
N ASP A 158 2.13 8.14 17.52
CA ASP A 158 1.73 9.46 18.02
C ASP A 158 0.84 10.15 16.99
N THR A 159 0.22 11.27 17.39
CA THR A 159 -0.77 11.99 16.57
C THR A 159 -0.56 11.96 15.05
N ASP A 160 0.68 12.17 14.61
CA ASP A 160 0.98 12.29 13.18
C ASP A 160 1.87 11.16 12.68
N ARG A 161 1.65 9.95 13.20
CA ARG A 161 2.45 8.76 12.87
C ARG A 161 1.72 7.47 13.24
N ASN A 162 1.59 6.55 12.29
CA ASN A 162 0.96 5.25 12.55
C ASN A 162 1.76 4.05 12.02
N ASN A 163 1.30 2.84 12.36
CA ASN A 163 1.90 1.62 11.86
C ASN A 163 0.88 0.65 11.29
N TYR A 164 1.19 0.12 10.11
CA TYR A 164 0.35 -0.87 9.46
C TYR A 164 0.97 -2.25 9.60
N TYR A 165 0.30 -3.13 10.33
CA TYR A 165 0.73 -4.53 10.50
C TYR A 165 0.20 -5.40 9.38
N ALA A 166 1.04 -6.33 8.92
CA ALA A 166 0.63 -7.38 7.98
C ALA A 166 1.45 -8.64 8.23
N ARG A 167 0.75 -9.74 8.52
CA ARG A 167 1.35 -11.05 8.76
C ARG A 167 2.54 -11.00 9.73
N GLY A 168 2.39 -10.24 10.81
CA GLY A 168 3.42 -10.19 11.86
C GLY A 168 4.55 -9.20 11.63
N PHE A 169 4.47 -8.45 10.54
CA PHE A 169 5.52 -7.46 10.20
C PHE A 169 4.96 -6.07 9.97
N SER A 170 5.78 -5.07 10.29
CA SER A 170 5.51 -3.69 9.90
C SER A 170 5.77 -3.52 8.41
N ILE A 171 4.95 -2.69 7.77
CA ILE A 171 5.08 -2.40 6.34
C ILE A 171 5.97 -1.17 6.09
N ASN A 172 7.09 -1.39 5.40
CA ASN A 172 7.99 -0.29 5.02
C ASN A 172 8.08 -0.02 3.52
N ASN A 173 7.27 -0.75 2.74
CA ASN A 173 7.30 -0.65 1.28
C ASN A 173 6.13 0.13 0.70
N PHE A 174 6.38 1.39 0.37
CA PHE A 174 5.38 2.26 -0.23
C PHE A 174 5.81 2.58 -1.66
N GLN A 175 4.96 2.21 -2.62
CA GLN A 175 5.23 2.47 -4.04
C GLN A 175 4.19 3.43 -4.62
N TYR A 176 4.62 4.20 -5.62
CA TYR A 176 3.78 5.21 -6.27
C TYR A 176 3.91 5.07 -7.79
N ASP A 177 2.90 4.45 -8.40
CA ASP A 177 2.95 3.99 -9.81
C ASP A 177 4.15 3.06 -10.08
N GLY A 178 4.45 2.20 -9.11
CA GLY A 178 5.49 1.18 -9.24
C GLY A 178 6.85 1.56 -8.72
N ILE A 179 7.06 2.85 -8.49
CA ILE A 179 8.35 3.37 -8.03
C ILE A 179 8.43 3.38 -6.50
N PRO A 180 9.34 2.58 -5.93
CA PRO A 180 9.51 2.43 -4.47
C PRO A 180 10.02 3.69 -3.76
N SER A 181 9.57 3.89 -2.53
CA SER A 181 10.01 5.01 -1.70
C SER A 181 11.29 4.66 -0.93
N THR A 182 12.24 5.59 -0.92
CA THR A 182 13.53 5.37 -0.25
C THR A 182 13.62 6.06 1.13
N ALA A 183 12.60 6.84 1.47
CA ALA A 183 12.51 7.47 2.79
C ALA A 183 11.87 6.49 3.78
N ARG A 184 12.69 5.57 4.29
CA ARG A 184 12.23 4.37 4.98
C ARG A 184 12.27 4.42 6.50
N ASN A 185 13.11 5.30 7.05
CA ASN A 185 13.28 5.42 8.50
C ASN A 185 12.14 6.19 9.16
N VAL A 186 11.26 5.47 9.85
CA VAL A 186 10.03 6.04 10.44
C VAL A 186 10.34 6.97 11.63
N GLY A 187 11.57 6.93 12.10
CA GLY A 187 12.06 7.90 13.08
C GLY A 187 12.09 9.30 12.51
N TYR A 188 12.00 9.39 11.19
CA TYR A 188 11.97 10.68 10.48
C TYR A 188 10.86 10.68 9.41
N SER A 189 9.62 10.47 9.87
CA SER A 189 8.44 10.37 9.00
C SER A 189 8.28 11.59 8.11
N ALA A 190 8.08 11.36 6.82
CA ALA A 190 8.08 12.42 5.82
C ALA A 190 7.00 12.25 4.73
N GLY A 191 5.82 11.78 5.13
CA GLY A 191 4.67 11.73 4.23
C GLY A 191 4.04 10.38 3.93
N ASN A 192 4.88 9.34 3.80
CA ASN A 192 4.45 7.98 3.48
C ASN A 192 3.19 7.50 4.20
N THR A 193 2.96 8.01 5.41
CA THR A 193 1.94 7.46 6.29
C THR A 193 0.69 8.33 6.41
N LEU A 194 0.51 9.28 5.49
CA LEU A 194 -0.64 10.19 5.51
C LEU A 194 -0.97 10.87 4.15
N SER A 195 -0.68 10.13 3.07
CA SER A 195 -0.91 10.55 1.70
C SER A 195 -2.39 10.73 1.40
N ASP A 196 -2.74 11.84 0.74
CA ASP A 196 -4.14 12.19 0.46
C ASP A 196 -4.65 11.47 -0.77
N MET A 197 -5.89 10.99 -0.70
CA MET A 197 -6.46 10.12 -1.73
C MET A 197 -7.05 10.83 -2.95
N ALA A 198 -7.07 12.16 -2.91
CA ALA A 198 -7.62 12.97 -4.00
C ALA A 198 -6.98 12.69 -5.37
N ILE A 199 -5.70 12.31 -5.39
CA ILE A 199 -4.95 12.18 -6.65
C ILE A 199 -4.84 10.74 -7.19
N TYR A 200 -5.37 9.78 -6.44
CA TYR A 200 -5.23 8.36 -6.80
C TYR A 200 -6.53 7.69 -7.26
N ASP A 201 -6.38 6.65 -8.08
CA ASP A 201 -7.52 5.86 -8.57
C ASP A 201 -7.84 4.72 -7.61
N ARG A 202 -6.78 4.06 -7.13
CA ARG A 202 -6.90 2.90 -6.25
C ARG A 202 -5.61 2.67 -5.49
N VAL A 203 -5.70 1.84 -4.47
CA VAL A 203 -4.57 1.47 -3.65
C VAL A 203 -4.58 -0.05 -3.47
N GLU A 204 -3.50 -0.69 -3.90
CA GLU A 204 -3.38 -2.14 -3.82
C GLU A 204 -2.32 -2.56 -2.82
N VAL A 205 -2.69 -3.52 -1.97
CA VAL A 205 -1.76 -4.07 -0.99
C VAL A 205 -1.39 -5.51 -1.35
N LEU A 206 -0.16 -5.67 -1.83
CA LEU A 206 0.37 -6.97 -2.22
C LEU A 206 1.08 -7.58 -1.00
N LYS A 207 0.53 -8.69 -0.51
CA LYS A 207 0.99 -9.32 0.74
C LYS A 207 1.96 -10.46 0.49
N GLY A 208 2.85 -10.66 1.45
CA GLY A 208 3.85 -11.73 1.39
C GLY A 208 5.25 -11.18 1.37
N ALA A 209 6.03 -11.65 0.40
CA ALA A 209 7.38 -11.16 0.16
C ALA A 209 7.46 -10.72 -1.29
N THR A 210 7.62 -9.41 -1.49
CA THR A 210 7.37 -8.81 -2.81
C THR A 210 8.63 -8.34 -3.53
N GLY A 211 9.77 -8.96 -3.23
CA GLY A 211 11.07 -8.58 -3.79
C GLY A 211 11.16 -8.42 -5.30
N LEU A 212 10.40 -9.22 -6.03
CA LEU A 212 10.50 -9.32 -7.49
C LEU A 212 10.49 -7.97 -8.21
N LEU A 213 9.58 -7.08 -7.84
CA LEU A 213 9.49 -5.75 -8.46
C LEU A 213 9.87 -4.60 -7.52
N THR A 214 9.71 -4.83 -6.21
CA THR A 214 10.10 -3.85 -5.20
C THR A 214 11.62 -3.73 -5.16
N GLY A 215 12.31 -4.87 -5.19
CA GLY A 215 13.74 -4.91 -5.00
C GLY A 215 14.00 -5.05 -3.51
N ALA A 216 14.85 -4.17 -2.99
CA ALA A 216 15.14 -4.16 -1.55
C ALA A 216 13.97 -3.57 -0.77
N GLY A 217 13.50 -4.32 0.22
CA GLY A 217 12.37 -3.91 1.05
C GLY A 217 12.17 -4.86 2.22
N SER A 218 11.05 -4.71 2.90
CA SER A 218 10.75 -5.49 4.10
C SER A 218 9.68 -6.56 3.87
N LEU A 219 9.46 -7.38 4.90
CA LEU A 219 8.46 -8.44 4.83
C LEU A 219 7.08 -7.93 5.24
N GLY A 220 6.06 -8.75 5.03
CA GLY A 220 4.70 -8.44 5.44
C GLY A 220 3.77 -8.12 4.28
N ALA A 221 4.01 -6.97 3.64
CA ALA A 221 3.17 -6.48 2.55
C ALA A 221 3.86 -5.37 1.78
N THR A 222 3.15 -4.85 0.78
CA THR A 222 3.63 -3.71 0.00
C THR A 222 2.44 -2.87 -0.47
N ILE A 223 2.50 -1.57 -0.20
CA ILE A 223 1.43 -0.65 -0.58
C ILE A 223 1.78 0.10 -1.87
N ASN A 224 1.03 -0.18 -2.94
CA ASN A 224 1.23 0.47 -4.24
C ASN A 224 0.09 1.43 -4.56
N LEU A 225 0.45 2.67 -4.91
CA LEU A 225 -0.54 3.71 -5.19
C LEU A 225 -0.56 4.15 -6.66
N ILE A 226 -1.72 4.00 -7.29
CA ILE A 226 -1.90 4.37 -8.70
C ILE A 226 -2.53 5.76 -8.82
N ARG A 227 -1.86 6.64 -9.58
CA ARG A 227 -2.32 8.01 -9.82
C ARG A 227 -3.39 8.10 -10.91
N LYS A 228 -4.32 9.03 -10.72
CA LYS A 228 -5.36 9.33 -11.70
C LYS A 228 -4.73 9.82 -13.01
N LYS A 229 -5.34 9.42 -14.13
CA LYS A 229 -4.88 9.82 -15.46
C LYS A 229 -5.95 10.65 -16.18
N PRO A 230 -5.56 11.52 -17.13
CA PRO A 230 -6.52 12.32 -17.89
C PRO A 230 -7.47 11.50 -18.77
N THR A 231 -8.73 11.91 -18.79
CA THR A 231 -9.76 11.29 -19.62
C THR A 231 -9.76 11.85 -21.05
N HIS A 232 -10.41 11.14 -21.97
CA HIS A 232 -10.54 11.63 -23.36
C HIS A 232 -11.84 12.40 -23.63
N GLU A 233 -12.75 12.36 -22.64
CA GLU A 233 -13.95 13.20 -22.64
C GLU A 233 -13.92 14.01 -21.35
N PHE A 234 -14.41 15.24 -21.42
CA PHE A 234 -14.47 16.15 -20.26
C PHE A 234 -15.17 15.50 -19.07
N LYS A 235 -14.60 15.69 -17.88
CA LYS A 235 -15.12 15.10 -16.65
C LYS A 235 -14.52 15.82 -15.44
N GLY A 236 -15.38 16.29 -14.54
CA GLY A 236 -14.91 17.04 -13.37
C GLY A 236 -15.91 17.16 -12.23
N HIS A 237 -15.40 17.29 -11.01
CA HIS A 237 -16.27 17.41 -9.82
C HIS A 237 -15.67 18.30 -8.72
N VAL A 238 -16.56 18.87 -7.91
CA VAL A 238 -16.18 19.61 -6.70
C VAL A 238 -16.89 18.99 -5.49
N GLU A 239 -16.13 18.66 -4.45
CA GLU A 239 -16.71 18.07 -3.24
C GLU A 239 -16.33 18.84 -1.97
N LEU A 240 -17.35 19.31 -1.25
CA LEU A 240 -17.16 19.99 0.02
C LEU A 240 -17.67 19.14 1.17
N GLY A 241 -16.93 19.14 2.28
CA GLY A 241 -17.28 18.31 3.42
C GLY A 241 -17.09 18.98 4.78
N ALA A 242 -17.80 18.46 5.77
CA ALA A 242 -17.66 18.92 7.14
C ALA A 242 -17.88 17.77 8.11
N GLY A 243 -17.04 17.69 9.13
CA GLY A 243 -17.12 16.63 10.12
C GLY A 243 -16.99 17.09 11.56
N SER A 244 -16.86 16.12 12.45
CA SER A 244 -16.74 16.39 13.88
C SER A 244 -15.37 17.01 14.20
N TRP A 245 -15.35 17.84 15.25
CA TRP A 245 -14.15 18.57 15.71
C TRP A 245 -13.65 19.57 14.67
N ASP A 246 -14.53 20.46 14.23
CA ASP A 246 -14.22 21.53 13.27
C ASP A 246 -13.37 21.03 12.10
N ASN A 247 -13.89 20.04 11.39
CA ASN A 247 -13.18 19.33 10.34
C ASN A 247 -13.72 19.66 8.93
N TYR A 248 -13.05 20.58 8.24
CA TYR A 248 -13.47 21.02 6.90
C TYR A 248 -12.61 20.41 5.79
N ARG A 249 -13.22 20.22 4.62
CA ARG A 249 -12.53 19.66 3.45
C ARG A 249 -13.05 20.23 2.11
N SER A 250 -12.14 20.41 1.15
CA SER A 250 -12.47 20.89 -0.18
C SER A 250 -11.58 20.25 -1.23
N GLU A 251 -12.18 19.82 -2.34
CA GLU A 251 -11.43 19.26 -3.47
C GLU A 251 -12.07 19.58 -4.83
N LEU A 252 -11.22 19.70 -5.85
CA LEU A 252 -11.64 20.01 -7.21
C LEU A 252 -10.85 19.19 -8.24
N ASP A 253 -11.56 18.50 -9.13
CA ASP A 253 -10.95 17.66 -10.16
C ASP A 253 -11.44 18.07 -11.54
N VAL A 254 -10.49 18.30 -12.45
CA VAL A 254 -10.80 18.74 -13.81
C VAL A 254 -9.96 17.92 -14.80
N SER A 255 -10.61 17.38 -15.83
CA SER A 255 -9.94 16.50 -16.79
C SER A 255 -10.49 16.59 -18.21
N GLY A 256 -9.68 16.18 -19.19
CA GLY A 256 -10.14 16.11 -20.58
C GLY A 256 -9.15 16.58 -21.65
N PRO A 257 -9.56 16.48 -22.94
CA PRO A 257 -8.72 16.90 -24.06
C PRO A 257 -8.45 18.40 -24.04
N LEU A 258 -7.27 18.80 -24.50
CA LEU A 258 -6.89 20.21 -24.50
C LEU A 258 -6.64 20.80 -25.89
N THR A 259 -6.51 19.95 -26.90
CA THR A 259 -6.48 20.39 -28.30
C THR A 259 -7.74 19.94 -29.03
N GLU A 260 -8.02 20.60 -30.16
CA GLU A 260 -9.13 20.26 -31.02
C GLU A 260 -8.95 18.85 -31.60
N SER A 261 -7.71 18.53 -31.99
CA SER A 261 -7.36 17.22 -32.54
C SER A 261 -7.43 16.12 -31.48
N GLY A 262 -7.15 16.49 -30.24
CA GLY A 262 -7.19 15.54 -29.14
C GLY A 262 -5.93 14.70 -29.04
N ASN A 263 -4.82 15.21 -29.59
CA ASN A 263 -3.50 14.58 -29.40
C ASN A 263 -2.89 14.88 -28.03
N VAL A 264 -3.51 15.79 -27.28
CA VAL A 264 -3.10 16.09 -25.90
C VAL A 264 -4.27 16.01 -24.92
N ARG A 265 -3.99 15.55 -23.71
CA ARG A 265 -4.99 15.40 -22.65
C ARG A 265 -4.38 15.79 -21.32
N GLY A 266 -5.19 16.39 -20.45
CA GLY A 266 -4.71 16.86 -19.15
C GLY A 266 -5.64 16.56 -17.99
N ARG A 267 -5.10 16.70 -16.78
CA ARG A 267 -5.87 16.55 -15.55
C ARG A 267 -5.19 17.28 -14.41
N ALA A 268 -5.97 18.13 -13.72
CA ALA A 268 -5.48 18.91 -12.57
C ALA A 268 -6.43 18.78 -11.39
N VAL A 269 -5.87 18.58 -10.20
CA VAL A 269 -6.68 18.43 -8.98
C VAL A 269 -6.05 19.14 -7.78
N ALA A 270 -6.87 19.91 -7.06
CA ALA A 270 -6.43 20.62 -5.86
C ALA A 270 -7.34 20.29 -4.68
N ALA A 271 -6.73 20.04 -3.52
CA ALA A 271 -7.48 19.72 -2.31
C ALA A 271 -6.92 20.43 -1.09
N TYR A 272 -7.80 20.91 -0.22
CA TYR A 272 -7.41 21.56 1.01
C TYR A 272 -8.30 21.12 2.17
N GLN A 273 -7.67 20.77 3.29
CA GLN A 273 -8.36 20.28 4.47
C GLN A 273 -7.77 20.88 5.75
N ASP A 274 -8.65 21.36 6.64
CA ASP A 274 -8.27 21.88 7.95
C ASP A 274 -9.22 21.34 9.02
N LYS A 275 -8.65 20.93 10.14
CA LYS A 275 -9.41 20.19 11.16
C LYS A 275 -8.80 20.26 12.55
N HIS A 276 -9.58 19.86 13.54
CA HIS A 276 -9.09 19.59 14.89
C HIS A 276 -9.31 18.11 15.18
N SER A 277 -9.28 17.74 16.46
CA SER A 277 -9.59 16.37 16.88
C SER A 277 -10.09 16.36 18.31
N PHE A 278 -10.57 15.21 18.77
CA PHE A 278 -11.03 15.02 20.15
C PHE A 278 -9.94 15.38 21.16
N MET A 279 -8.70 15.37 20.72
CA MET A 279 -7.54 15.72 21.55
C MET A 279 -7.31 17.22 21.58
N ASP A 280 -6.91 17.71 22.76
CA ASP A 280 -6.73 19.14 23.04
C ASP A 280 -5.63 19.81 22.24
N HIS A 281 -5.78 21.13 22.06
CA HIS A 281 -4.78 22.01 21.45
C HIS A 281 -4.07 21.45 20.21
N TYR A 282 -4.79 20.59 19.49
CA TYR A 282 -4.26 19.96 18.29
C TYR A 282 -5.07 20.28 17.04
N GLU A 283 -4.36 20.64 15.98
CA GLU A 283 -4.96 20.81 14.66
C GLU A 283 -4.00 20.34 13.56
N ARG A 284 -4.56 20.00 12.41
CA ARG A 284 -3.76 19.71 11.21
C ARG A 284 -4.41 20.33 9.99
N LYS A 285 -3.60 20.89 9.11
CA LYS A 285 -4.07 21.34 7.80
C LYS A 285 -3.21 20.80 6.65
N THR A 286 -3.87 20.19 5.67
CA THR A 286 -3.18 19.61 4.54
C THR A 286 -3.53 20.33 3.23
N SER A 287 -2.51 20.55 2.40
CA SER A 287 -2.69 21.17 1.08
C SER A 287 -2.06 20.27 0.02
N VAL A 288 -2.84 19.94 -1.01
CA VAL A 288 -2.36 19.07 -2.09
C VAL A 288 -2.58 19.68 -3.48
N TYR A 289 -1.64 19.42 -4.40
CA TYR A 289 -1.79 19.83 -5.80
C TYR A 289 -1.20 18.78 -6.73
N TYR A 290 -1.81 18.65 -7.91
CA TYR A 290 -1.43 17.62 -8.88
C TYR A 290 -1.88 18.01 -10.29
N GLY A 291 -0.98 17.83 -11.25
CA GLY A 291 -1.24 18.13 -12.66
C GLY A 291 -0.50 17.16 -13.55
N ILE A 292 -1.20 16.60 -14.54
CA ILE A 292 -0.62 15.59 -15.44
C ILE A 292 -1.02 15.86 -16.90
N LEU A 293 -0.06 15.71 -17.81
CA LEU A 293 -0.29 15.92 -19.24
C LEU A 293 0.05 14.68 -20.06
N GLU A 294 -0.74 14.42 -21.10
CA GLU A 294 -0.50 13.31 -22.02
C GLU A 294 -0.32 13.80 -23.46
N PHE A 295 0.69 13.26 -24.14
CA PHE A 295 1.00 13.66 -25.51
C PHE A 295 1.03 12.45 -26.46
N ASP A 296 0.29 12.53 -27.55
CA ASP A 296 0.32 11.50 -28.58
C ASP A 296 1.24 11.88 -29.72
N LEU A 297 2.40 11.24 -29.77
CA LEU A 297 3.43 11.54 -30.75
C LEU A 297 3.07 10.93 -32.11
N ASN A 298 2.99 9.61 -32.15
CA ASN A 298 2.41 8.88 -33.28
C ASN A 298 1.25 8.02 -32.78
N PRO A 299 0.61 7.21 -33.66
CA PRO A 299 -0.48 6.37 -33.16
C PRO A 299 -0.06 5.31 -32.13
N ASP A 300 1.22 4.94 -32.11
CA ASP A 300 1.72 3.89 -31.22
C ASP A 300 2.67 4.38 -30.12
N THR A 301 2.79 5.69 -29.94
CA THR A 301 3.73 6.27 -28.96
C THR A 301 3.13 7.43 -28.15
N MET A 302 3.26 7.36 -26.83
CA MET A 302 2.65 8.33 -25.92
C MET A 302 3.60 8.80 -24.83
N LEU A 303 3.71 10.12 -24.69
CA LEU A 303 4.51 10.75 -23.64
C LEU A 303 3.61 11.25 -22.51
N THR A 304 4.03 11.03 -21.28
CA THR A 304 3.32 11.54 -20.11
C THR A 304 4.27 12.30 -19.19
N VAL A 305 3.93 13.56 -18.90
CA VAL A 305 4.65 14.34 -17.88
C VAL A 305 3.67 14.77 -16.78
N GLY A 306 4.16 14.79 -15.54
CA GLY A 306 3.31 15.12 -14.40
C GLY A 306 4.04 15.59 -13.17
N ALA A 307 3.32 16.34 -12.31
CA ALA A 307 3.87 16.86 -11.07
C ALA A 307 2.83 16.89 -9.97
N ASP A 308 3.25 16.57 -8.75
CA ASP A 308 2.36 16.60 -7.59
C ASP A 308 3.06 17.18 -6.35
N TYR A 309 2.29 17.37 -5.29
CA TYR A 309 2.75 18.06 -4.08
C TYR A 309 1.73 17.89 -2.94
N GLN A 310 2.22 17.66 -1.73
CA GLN A 310 1.37 17.65 -0.53
C GLN A 310 2.13 18.22 0.66
N ASP A 311 1.40 18.78 1.61
CA ASP A 311 2.01 19.43 2.77
C ASP A 311 1.22 19.23 4.06
N ASN A 312 1.77 18.44 4.99
CA ASN A 312 1.12 18.20 6.27
C ASN A 312 1.69 19.10 7.37
N ASP A 313 0.89 20.08 7.78
CA ASP A 313 1.28 21.09 8.78
C ASP A 313 0.44 21.00 10.06
N PRO A 314 0.93 20.27 11.08
CA PRO A 314 0.19 20.18 12.35
C PRO A 314 0.63 21.21 13.39
N LYS A 315 -0.18 21.37 14.43
CA LYS A 315 0.18 22.18 15.60
C LYS A 315 -0.36 21.49 16.84
N GLY A 316 0.49 21.37 17.86
CA GLY A 316 0.15 20.60 19.05
C GLY A 316 0.37 19.11 18.84
N SER A 317 1.43 18.79 18.09
CA SER A 317 1.80 17.40 17.83
C SER A 317 2.25 16.70 19.10
N GLY A 318 1.83 15.45 19.25
CA GLY A 318 2.29 14.59 20.35
C GLY A 318 3.51 13.77 19.98
N TRP A 319 4.18 13.22 21.00
CA TRP A 319 5.38 12.42 20.80
C TRP A 319 5.41 11.27 21.79
N SER A 320 5.71 10.07 21.30
CA SER A 320 5.72 8.84 22.08
C SER A 320 4.39 8.60 22.81
N GLY A 321 3.31 8.47 22.05
CA GLY A 321 1.97 8.21 22.61
C GLY A 321 1.09 9.44 22.81
N SER A 322 0.27 9.40 23.85
CA SER A 322 -0.57 10.53 24.25
C SER A 322 -0.34 10.88 25.72
N PHE A 323 0.01 9.86 26.50
CA PHE A 323 0.25 10.00 27.94
C PHE A 323 1.06 8.82 28.48
N PRO A 324 1.83 9.04 29.56
CA PRO A 324 2.61 7.96 30.18
C PRO A 324 1.73 6.95 30.92
N LEU A 325 2.19 5.70 30.93
CA LEU A 325 1.45 4.60 31.57
C LEU A 325 1.49 4.68 33.09
N PHE A 326 2.68 4.90 33.65
CA PHE A 326 2.87 4.98 35.10
C PHE A 326 3.19 6.40 35.53
N ASP A 327 2.89 6.71 36.80
CA ASP A 327 3.23 8.00 37.37
C ASP A 327 4.66 8.01 37.94
N SER A 328 4.91 8.88 38.91
CA SER A 328 6.22 9.01 39.54
C SER A 328 6.70 7.73 40.22
N GLN A 329 5.77 6.98 40.81
CA GLN A 329 6.11 5.82 41.62
C GLN A 329 5.47 4.51 41.15
N GLY A 330 5.05 4.47 39.88
CA GLY A 330 4.38 3.29 39.33
C GLY A 330 2.88 3.46 39.28
N ASN A 331 2.16 2.61 40.02
CA ASN A 331 0.69 2.61 40.01
C ASN A 331 0.11 2.45 38.61
N ARG A 332 -0.76 3.37 38.20
CA ARG A 332 -1.40 3.32 36.88
C ARG A 332 -2.12 4.65 36.62
N ASN A 333 -1.85 5.26 35.47
CA ASN A 333 -2.48 6.54 35.13
C ASN A 333 -3.88 6.44 34.55
N ASP A 334 -4.74 7.40 34.92
CA ASP A 334 -6.11 7.50 34.40
C ASP A 334 -6.38 8.89 33.85
N VAL A 335 -6.61 8.99 32.54
CA VAL A 335 -6.85 10.26 31.85
C VAL A 335 -7.89 10.15 30.75
N SER A 336 -8.62 11.26 30.52
CA SER A 336 -9.64 11.35 29.47
C SER A 336 -9.04 11.18 28.08
N ARG A 337 -9.89 10.78 27.14
CA ARG A 337 -9.50 10.60 25.74
C ARG A 337 -9.02 11.90 25.09
N SER A 338 -9.34 13.03 25.70
CA SER A 338 -8.99 14.34 25.16
C SER A 338 -7.58 14.81 25.52
N PHE A 339 -6.92 14.07 26.41
CA PHE A 339 -5.58 14.43 26.87
C PHE A 339 -4.53 14.26 25.78
N ASN A 340 -3.70 15.30 25.59
CA ASN A 340 -2.62 15.29 24.61
C ASN A 340 -1.29 15.77 25.21
N ASN A 341 -0.30 14.87 25.27
CA ASN A 341 1.00 15.17 25.89
C ASN A 341 1.83 16.27 25.22
N GLY A 342 1.43 16.67 24.02
CA GLY A 342 2.22 17.61 23.23
C GLY A 342 2.04 19.08 23.58
N ALA A 343 3.13 19.83 23.47
CA ALA A 343 3.10 21.29 23.66
C ALA A 343 2.42 22.00 22.50
N LYS A 344 1.87 23.18 22.77
CA LYS A 344 1.24 24.05 21.78
C LYS A 344 2.08 24.21 20.50
N TRP A 345 3.36 24.49 20.69
CA TRP A 345 4.26 24.80 19.58
C TRP A 345 4.84 23.57 18.88
N SER A 346 4.60 22.38 19.44
CA SER A 346 5.09 21.14 18.84
C SER A 346 4.40 20.84 17.52
N SER A 347 5.21 20.50 16.51
CA SER A 347 4.73 20.26 15.16
C SER A 347 5.60 19.23 14.46
N TRP A 348 4.98 18.22 13.87
CA TRP A 348 5.70 17.26 13.02
C TRP A 348 5.34 17.46 11.55
N GLU A 349 5.94 18.48 10.93
CA GLU A 349 5.72 18.79 9.52
C GLU A 349 6.26 17.69 8.60
N GLN A 350 5.47 17.34 7.59
CA GLN A 350 5.88 16.36 6.60
C GLN A 350 5.37 16.80 5.23
N TYR A 351 6.29 17.00 4.29
CA TYR A 351 5.93 17.45 2.96
C TYR A 351 6.48 16.54 1.85
N THR A 352 5.65 16.31 0.84
CA THR A 352 6.00 15.50 -0.31
C THR A 352 5.81 16.28 -1.61
N ARG A 353 6.66 16.01 -2.60
CA ARG A 353 6.44 16.47 -3.98
C ARG A 353 7.15 15.58 -5.01
N THR A 354 6.54 15.44 -6.18
CA THR A 354 7.07 14.58 -7.25
C THR A 354 7.05 15.27 -8.61
N VAL A 355 8.06 14.98 -9.42
CA VAL A 355 8.05 15.34 -10.85
C VAL A 355 8.46 14.10 -11.65
N PHE A 356 7.59 13.67 -12.58
CA PHE A 356 7.81 12.43 -13.33
C PHE A 356 7.48 12.53 -14.81
N ALA A 357 8.14 11.69 -15.60
CA ALA A 357 7.86 11.58 -17.03
C ALA A 357 7.85 10.12 -17.47
N ASN A 358 6.74 9.70 -18.08
CA ASN A 358 6.57 8.36 -18.64
C ASN A 358 6.54 8.34 -20.16
N LEU A 359 6.85 7.19 -20.75
CA LEU A 359 6.86 7.02 -22.20
C LEU A 359 6.69 5.56 -22.59
N GLU A 360 5.54 5.22 -23.17
CA GLU A 360 5.32 3.85 -23.68
C GLU A 360 5.16 3.77 -25.20
N HIS A 361 5.75 2.74 -25.79
CA HIS A 361 5.70 2.47 -27.22
C HIS A 361 5.11 1.09 -27.47
N ASN A 362 4.21 1.00 -28.44
CA ASN A 362 3.69 -0.28 -28.90
C ASN A 362 4.44 -0.74 -30.14
N PHE A 363 5.08 -1.90 -30.05
CA PHE A 363 5.88 -2.46 -31.14
C PHE A 363 5.05 -3.39 -32.03
N ALA A 364 5.54 -3.62 -33.24
CA ALA A 364 4.77 -4.32 -34.29
C ALA A 364 4.36 -5.76 -33.95
N ASN A 365 5.11 -6.43 -33.07
CA ASN A 365 4.82 -7.83 -32.76
C ASN A 365 3.98 -8.06 -31.49
N GLY A 366 3.11 -7.11 -31.17
CA GLY A 366 2.26 -7.18 -29.97
C GLY A 366 3.03 -6.92 -28.69
N TRP A 367 4.26 -6.43 -28.84
CA TRP A 367 5.15 -6.18 -27.73
C TRP A 367 5.08 -4.71 -27.36
N VAL A 368 5.23 -4.42 -26.07
CA VAL A 368 5.12 -3.04 -25.57
C VAL A 368 6.18 -2.70 -24.52
N GLY A 369 6.97 -1.68 -24.81
CA GLY A 369 8.00 -1.21 -23.88
C GLY A 369 7.61 0.09 -23.21
N LYS A 370 8.07 0.27 -21.97
CA LYS A 370 7.78 1.48 -21.20
C LYS A 370 9.02 2.03 -20.51
N VAL A 371 9.15 3.36 -20.50
CA VAL A 371 10.24 4.05 -19.81
C VAL A 371 9.66 5.10 -18.87
N GLN A 372 9.93 4.95 -17.58
CA GLN A 372 9.49 5.96 -16.61
C GLN A 372 10.61 6.51 -15.73
N LEU A 373 10.80 7.82 -15.81
CA LEU A 373 11.68 8.56 -14.93
C LEU A 373 10.89 9.07 -13.73
N ASP A 374 11.56 9.22 -12.59
CA ASP A 374 10.92 9.74 -11.39
C ASP A 374 11.88 10.59 -10.57
N HIS A 375 11.37 11.73 -10.09
CA HIS A 375 12.11 12.58 -9.17
C HIS A 375 11.22 12.87 -7.96
N LYS A 376 11.64 12.42 -6.78
CA LYS A 376 10.81 12.55 -5.61
C LYS A 376 11.51 13.18 -4.42
N ILE A 377 10.78 14.03 -3.71
CA ILE A 377 11.31 14.69 -2.52
C ILE A 377 10.49 14.37 -1.27
N ASN A 378 11.15 13.82 -0.27
CA ASN A 378 10.56 13.59 1.04
C ASN A 378 11.30 14.39 2.10
N GLY A 379 10.60 15.35 2.69
CA GLY A 379 11.18 16.22 3.70
C GLY A 379 10.42 16.26 5.01
N TYR A 380 11.09 16.75 6.05
CA TYR A 380 10.48 16.90 7.36
C TYR A 380 11.08 18.10 8.10
N HIS A 381 10.25 18.74 8.91
CA HIS A 381 10.62 19.88 9.74
C HIS A 381 9.86 19.72 11.05
N ALA A 382 10.47 19.04 12.01
CA ALA A 382 9.77 18.65 13.23
C ALA A 382 10.37 19.20 14.54
N PRO A 383 9.95 20.42 14.94
CA PRO A 383 10.24 20.92 16.28
C PRO A 383 9.25 20.32 17.27
N LEU A 384 9.72 19.40 18.10
CA LEU A 384 8.84 18.61 18.97
C LEU A 384 8.97 18.98 20.44
N GLY A 385 7.88 18.75 21.16
CA GLY A 385 7.81 18.99 22.61
C GLY A 385 6.63 18.27 23.25
N ALA A 386 6.92 17.33 24.14
CA ALA A 386 5.90 16.58 24.85
C ALA A 386 6.36 16.08 26.23
N ILE A 387 5.40 15.74 27.07
CA ILE A 387 5.68 15.14 28.36
C ILE A 387 6.01 13.66 28.16
N MET A 388 7.25 13.28 28.47
CA MET A 388 7.60 11.87 28.51
C MET A 388 8.46 11.51 29.72
N GLY A 389 8.39 10.25 30.12
CA GLY A 389 8.97 9.78 31.36
C GLY A 389 7.89 9.40 32.35
N ASP A 390 8.30 8.86 33.49
CA ASP A 390 7.36 8.41 34.52
C ASP A 390 6.76 9.60 35.27
N TRP A 391 5.66 10.13 34.72
CA TRP A 391 4.96 11.31 35.26
C TRP A 391 3.45 11.05 35.39
N PRO A 392 2.72 11.84 36.19
CA PRO A 392 3.09 13.03 36.98
C PRO A 392 3.90 12.70 38.23
N ALA A 393 4.20 13.73 39.02
CA ALA A 393 4.83 13.59 40.33
C ALA A 393 3.77 13.71 41.42
N PRO A 394 4.12 13.35 42.68
CA PRO A 394 3.14 13.44 43.77
C PRO A 394 2.61 14.87 44.03
N ASP A 395 3.31 15.87 43.52
CA ASP A 395 2.85 17.27 43.58
C ASP A 395 2.23 17.75 42.27
N ASN A 396 1.77 16.80 41.46
CA ASN A 396 1.10 17.06 40.17
C ASN A 396 1.97 17.76 39.10
N SER A 397 3.28 17.66 39.25
CA SER A 397 4.22 18.25 38.30
C SER A 397 4.79 17.21 37.31
N ALA A 398 5.36 17.68 36.21
CA ALA A 398 5.90 16.81 35.17
C ALA A 398 7.04 17.48 34.40
N LYS A 399 7.68 16.74 33.50
CA LYS A 399 8.76 17.29 32.65
C LYS A 399 8.53 17.05 31.17
N ILE A 400 9.13 17.91 30.34
CA ILE A 400 9.01 17.84 28.89
C ILE A 400 10.36 17.57 28.22
N VAL A 401 10.37 16.62 27.30
CA VAL A 401 11.56 16.36 26.48
C VAL A 401 11.36 17.06 25.13
N ALA A 402 12.26 17.99 24.83
CA ALA A 402 12.14 18.82 23.64
C ALA A 402 13.33 18.65 22.71
N GLN A 403 13.06 18.17 21.50
CA GLN A 403 14.08 17.97 20.47
C GLN A 403 13.59 18.44 19.12
N LYS A 404 14.51 18.60 18.17
CA LYS A 404 14.18 19.12 16.84
C LYS A 404 14.86 18.31 15.74
N TYR A 405 14.06 17.86 14.78
CA TYR A 405 14.53 17.04 13.68
C TYR A 405 14.11 17.62 12.34
N THR A 406 15.09 18.07 11.55
CA THR A 406 14.81 18.57 10.20
C THR A 406 15.69 17.85 9.19
N GLY A 407 15.11 17.59 8.01
CA GLY A 407 15.83 16.91 6.93
C GLY A 407 15.05 16.85 5.63
N GLU A 408 15.70 16.25 4.62
CA GLU A 408 15.17 16.20 3.27
C GLU A 408 15.86 15.09 2.48
N THR A 409 15.07 14.40 1.66
CA THR A 409 15.55 13.31 0.84
C THR A 409 15.19 13.58 -0.62
N LYS A 410 16.20 13.60 -1.48
CA LYS A 410 16.00 13.73 -2.92
C LYS A 410 16.38 12.43 -3.63
N SER A 411 15.42 11.85 -4.34
CA SER A 411 15.55 10.50 -4.90
C SER A 411 15.19 10.42 -6.38
N ASN A 412 16.19 10.04 -7.19
CA ASN A 412 16.03 9.94 -8.65
C ASN A 412 16.00 8.50 -9.13
N SER A 413 14.93 8.16 -9.87
CA SER A 413 14.72 6.78 -10.30
C SER A 413 14.52 6.63 -11.80
N LEU A 414 15.15 5.60 -12.37
CA LEU A 414 14.96 5.18 -13.76
C LEU A 414 14.56 3.71 -13.81
N ASP A 415 13.48 3.42 -14.53
CA ASP A 415 13.00 2.05 -14.71
C ASP A 415 12.44 1.83 -16.10
N ILE A 416 12.91 0.77 -16.76
CA ILE A 416 12.49 0.44 -18.13
C ILE A 416 12.17 -1.06 -18.24
N TYR A 417 11.07 -1.39 -18.91
CA TYR A 417 10.69 -2.78 -19.13
C TYR A 417 9.99 -3.05 -20.46
N LEU A 418 10.17 -4.27 -20.97
CA LEU A 418 9.53 -4.73 -22.19
C LEU A 418 8.73 -6.00 -21.88
N THR A 419 7.54 -6.11 -22.45
CA THR A 419 6.67 -7.27 -22.21
C THR A 419 5.84 -7.65 -23.44
N GLY A 420 5.84 -8.93 -23.78
CA GLY A 420 5.10 -9.45 -24.91
C GLY A 420 5.09 -10.98 -24.99
N PRO A 421 4.46 -11.54 -26.03
CA PRO A 421 4.28 -12.99 -26.16
C PRO A 421 5.40 -13.73 -26.91
N PHE A 422 5.50 -15.04 -26.66
CA PHE A 422 6.43 -15.92 -27.39
C PHE A 422 5.92 -17.36 -27.44
N GLN A 423 6.32 -18.10 -28.48
CA GLN A 423 5.88 -19.48 -28.67
C GLN A 423 6.96 -20.50 -28.31
N PHE A 424 6.54 -21.72 -27.99
CA PHE A 424 7.49 -22.80 -27.72
C PHE A 424 7.09 -24.14 -28.35
N LEU A 425 6.01 -24.75 -27.86
CA LEU A 425 5.52 -26.02 -28.41
C LEU A 425 4.12 -25.90 -29.02
N GLY A 426 3.95 -24.87 -29.85
CA GLY A 426 2.63 -24.55 -30.41
C GLY A 426 1.73 -23.93 -29.36
N ARG A 427 2.35 -23.27 -28.38
CA ARG A 427 1.64 -22.63 -27.28
C ARG A 427 2.09 -21.17 -27.15
N GLU A 428 1.17 -20.30 -26.75
CA GLU A 428 1.47 -18.89 -26.56
C GLU A 428 1.80 -18.58 -25.10
N HIS A 429 3.01 -18.06 -24.88
CA HIS A 429 3.44 -17.62 -23.55
C HIS A 429 3.75 -16.13 -23.59
N GLU A 430 3.98 -15.53 -22.43
CA GLU A 430 4.36 -14.13 -22.36
C GLU A 430 5.51 -13.90 -21.38
N LEU A 431 6.39 -12.96 -21.72
CA LEU A 431 7.60 -12.68 -20.94
C LEU A 431 7.69 -11.21 -20.54
N VAL A 432 8.46 -10.96 -19.48
CA VAL A 432 8.78 -9.61 -19.02
C VAL A 432 10.26 -9.54 -18.70
N VAL A 433 10.94 -8.55 -19.29
CA VAL A 433 12.36 -8.33 -19.03
C VAL A 433 12.63 -6.84 -18.78
N GLY A 434 13.22 -6.54 -17.63
CA GLY A 434 13.45 -5.15 -17.23
C GLY A 434 14.72 -4.88 -16.45
N THR A 435 14.98 -3.59 -16.23
CA THR A 435 16.12 -3.10 -15.46
C THR A 435 15.81 -1.76 -14.80
N SER A 436 16.30 -1.56 -13.58
CA SER A 436 16.06 -0.29 -12.86
C SER A 436 17.30 0.24 -12.15
N ALA A 437 17.29 1.54 -11.89
CA ALA A 437 18.37 2.21 -11.17
C ALA A 437 17.80 3.30 -10.29
N SER A 438 18.45 3.53 -9.14
CA SER A 438 17.98 4.53 -8.19
C SER A 438 19.13 5.24 -7.46
N PHE A 439 19.09 6.56 -7.48
CA PHE A 439 20.08 7.39 -6.78
C PHE A 439 19.36 8.34 -5.82
N SER A 440 19.55 8.13 -4.53
CA SER A 440 18.92 8.99 -3.51
C SER A 440 19.92 9.56 -2.50
N HIS A 441 19.54 10.66 -1.87
CA HIS A 441 20.42 11.36 -0.96
C HIS A 441 19.62 11.98 0.19
N TRP A 442 19.91 11.52 1.41
CA TRP A 442 19.21 11.96 2.61
C TRP A 442 20.12 12.77 3.51
N GLU A 443 19.78 14.06 3.66
CA GLU A 443 20.50 14.97 4.56
C GLU A 443 19.58 15.35 5.71
N GLY A 444 20.15 15.42 6.91
CA GLY A 444 19.34 15.70 8.11
C GLY A 444 20.07 16.31 9.28
N LYS A 445 19.36 17.17 10.01
CA LYS A 445 19.86 17.79 11.24
C LYS A 445 19.04 17.35 12.45
N SER A 446 19.73 17.20 13.58
CA SER A 446 19.10 16.82 14.85
C SER A 446 19.64 17.69 15.98
N TYR A 447 18.72 18.31 16.73
CA TYR A 447 19.08 19.15 17.86
C TYR A 447 18.56 18.54 19.15
N TRP A 448 19.45 18.23 20.08
CA TRP A 448 19.05 17.89 21.45
C TRP A 448 19.96 18.52 22.53
N ASN A 449 20.99 19.22 22.09
CA ASN A 449 21.90 19.96 22.98
C ASN A 449 21.35 21.35 23.34
N LEU A 450 20.18 21.35 23.98
CA LEU A 450 19.44 22.56 24.29
C LEU A 450 20.22 23.53 25.17
N ARG A 451 20.10 24.82 24.87
CA ARG A 451 20.73 25.86 25.67
C ARG A 451 19.90 26.10 26.93
N ASN A 452 19.97 25.11 27.82
CA ASN A 452 19.30 25.09 29.14
C ASN A 452 18.09 26.00 29.33
N TYR A 453 16.91 25.41 29.15
CA TYR A 453 15.66 26.09 29.49
C TYR A 453 14.88 25.21 30.46
N ASP A 454 13.79 25.74 31.01
CA ASP A 454 13.03 25.02 32.03
C ASP A 454 12.14 23.93 31.42
N ASN A 455 12.39 22.69 31.83
CA ASN A 455 11.62 21.53 31.36
C ASN A 455 10.24 21.42 31.99
N THR A 456 10.14 21.82 33.26
CA THR A 456 8.97 21.52 34.10
C THR A 456 7.73 22.33 33.78
N THR A 457 6.58 21.70 34.05
CA THR A 457 5.28 22.36 34.08
C THR A 457 4.65 22.16 35.45
N ASP A 458 3.88 23.15 35.89
CA ASP A 458 3.17 23.11 37.17
C ASP A 458 2.10 22.00 37.22
N ASP A 459 1.25 21.98 36.20
CA ASP A 459 0.02 21.19 36.21
C ASP A 459 0.04 20.08 35.16
N PHE A 460 -0.15 18.84 35.61
CA PHE A 460 -0.29 17.68 34.73
C PHE A 460 -1.76 17.41 34.39
N ILE A 461 -2.62 17.47 35.40
CA ILE A 461 -4.04 17.22 35.23
C ILE A 461 -4.67 18.20 34.24
N ASN A 462 -4.36 19.48 34.40
CA ASN A 462 -4.96 20.54 33.60
C ASN A 462 -4.02 21.07 32.53
N TRP A 463 -3.16 20.19 32.04
CA TRP A 463 -2.22 20.48 30.97
C TRP A 463 -2.97 20.83 29.68
N ASP A 464 -2.78 22.05 29.20
CA ASP A 464 -3.38 22.48 27.93
C ASP A 464 -2.29 22.71 26.88
N GLY A 465 -1.11 22.14 27.15
CA GLY A 465 0.03 22.22 26.23
C GLY A 465 0.83 23.50 26.34
N ASP A 466 0.66 24.23 27.45
CA ASP A 466 1.27 25.54 27.62
C ASP A 466 2.67 25.49 28.23
N ILE A 467 3.67 25.66 27.37
CA ILE A 467 5.08 25.75 27.80
C ILE A 467 5.88 26.54 26.76
N GLY A 468 6.94 27.20 27.19
CA GLY A 468 7.79 27.99 26.30
C GLY A 468 8.51 27.18 25.24
N LYS A 469 8.89 27.86 24.16
CA LYS A 469 9.69 27.24 23.10
C LYS A 469 11.16 27.59 23.28
N PRO A 470 12.04 26.57 23.28
CA PRO A 470 13.44 26.77 23.62
C PRO A 470 14.32 27.26 22.47
N ASP A 471 15.53 27.68 22.82
CA ASP A 471 16.60 27.90 21.86
C ASP A 471 17.18 26.53 21.56
N TRP A 472 17.11 26.13 20.30
CA TRP A 472 17.53 24.78 19.90
C TRP A 472 19.04 24.57 19.96
N GLY A 473 19.80 25.65 19.92
CA GLY A 473 21.26 25.58 19.93
C GLY A 473 21.81 25.06 18.63
N THR A 474 23.06 24.59 18.66
CA THR A 474 23.70 24.03 17.48
C THR A 474 23.29 22.56 17.27
N PRO A 475 23.35 22.08 16.01
CA PRO A 475 23.07 20.68 15.72
C PRO A 475 23.89 19.70 16.56
N SER A 476 23.24 18.63 16.99
CA SER A 476 23.89 17.58 17.78
C SER A 476 24.47 16.49 16.88
N GLN A 477 23.65 15.98 15.97
CA GLN A 477 24.07 14.97 15.01
C GLN A 477 23.71 15.41 13.59
N TYR A 478 24.64 15.16 12.67
CA TYR A 478 24.39 15.37 11.25
C TYR A 478 24.19 14.01 10.55
N ILE A 479 23.30 14.00 9.57
CA ILE A 479 23.12 12.82 8.71
C ILE A 479 23.33 13.25 7.27
N ASP A 480 24.11 12.45 6.53
CA ASP A 480 24.38 12.69 5.11
C ASP A 480 24.56 11.33 4.41
N ASP A 481 23.47 10.81 3.86
CA ASP A 481 23.45 9.45 3.32
C ASP A 481 23.11 9.35 1.83
N LYS A 482 24.03 8.78 1.06
CA LYS A 482 23.83 8.53 -0.38
C LYS A 482 23.60 7.05 -0.63
N THR A 483 22.58 6.73 -1.42
CA THR A 483 22.19 5.34 -1.67
C THR A 483 21.98 5.08 -3.16
N ARG A 484 22.73 4.11 -3.70
CA ARG A 484 22.53 3.63 -5.06
C ARG A 484 21.84 2.28 -5.01
N GLN A 485 20.86 2.08 -5.90
CA GLN A 485 20.13 0.82 -5.97
C GLN A 485 19.95 0.39 -7.42
N LEU A 486 20.54 -0.75 -7.79
CA LEU A 486 20.44 -1.29 -9.14
C LEU A 486 19.60 -2.56 -9.19
N GLY A 487 18.94 -2.79 -10.32
CA GLY A 487 18.07 -3.95 -10.47
C GLY A 487 17.98 -4.45 -11.89
N SER A 488 17.84 -5.76 -12.03
CA SER A 488 17.67 -6.41 -13.32
C SER A 488 16.79 -7.64 -13.12
N TYR A 489 15.69 -7.72 -13.88
CA TYR A 489 14.68 -8.75 -13.64
C TYR A 489 14.08 -9.38 -14.89
N MET A 490 13.64 -10.62 -14.75
CA MET A 490 12.98 -11.37 -15.81
C MET A 490 11.93 -12.30 -15.20
N THR A 491 10.76 -12.36 -15.82
CA THR A 491 9.66 -13.21 -15.36
C THR A 491 8.95 -13.86 -16.55
N ALA A 492 8.67 -15.15 -16.46
CA ALA A 492 7.99 -15.88 -17.51
C ALA A 492 6.73 -16.57 -16.99
N ARG A 493 5.70 -16.63 -17.84
CA ARG A 493 4.48 -17.37 -17.55
C ARG A 493 4.29 -18.40 -18.64
N PHE A 494 4.47 -19.67 -18.28
CA PHE A 494 4.37 -20.76 -19.24
C PHE A 494 2.97 -21.30 -19.36
N ASN A 495 2.50 -21.41 -20.60
CA ASN A 495 1.18 -21.95 -20.91
C ASN A 495 1.29 -23.43 -21.29
N VAL A 496 1.53 -24.26 -20.29
CA VAL A 496 1.81 -25.69 -20.50
C VAL A 496 0.57 -26.55 -20.69
N THR A 497 -0.58 -26.04 -20.25
CA THR A 497 -1.88 -26.67 -20.47
C THR A 497 -2.92 -25.54 -20.46
N ASP A 498 -4.12 -25.82 -20.95
CA ASP A 498 -5.23 -24.88 -20.80
C ASP A 498 -5.48 -24.61 -19.33
N ASP A 499 -5.53 -25.68 -18.54
CA ASP A 499 -5.82 -25.60 -17.11
C ASP A 499 -4.64 -25.16 -16.25
N LEU A 500 -3.41 -25.36 -16.74
CA LEU A 500 -2.20 -25.11 -15.94
C LEU A 500 -1.30 -23.98 -16.47
N ASN A 501 -0.77 -23.19 -15.55
CA ASN A 501 0.16 -22.11 -15.86
C ASN A 501 1.28 -22.01 -14.85
N LEU A 502 2.52 -21.98 -15.33
CA LEU A 502 3.70 -21.95 -14.47
C LEU A 502 4.50 -20.64 -14.61
N PHE A 503 4.72 -19.99 -13.48
CA PHE A 503 5.59 -18.82 -13.41
C PHE A 503 7.01 -19.22 -13.02
N LEU A 504 7.98 -18.76 -13.80
CA LEU A 504 9.38 -18.82 -13.41
C LEU A 504 9.97 -17.44 -13.62
N GLY A 505 10.51 -16.86 -12.55
CA GLY A 505 11.06 -15.51 -12.60
C GLY A 505 12.09 -15.24 -11.53
N GLY A 506 12.74 -14.08 -11.59
CA GLY A 506 13.78 -13.72 -10.64
C GLY A 506 14.35 -12.32 -10.88
N ARG A 507 15.12 -11.83 -9.90
CA ARG A 507 15.68 -10.48 -9.94
C ARG A 507 16.99 -10.38 -9.18
N VAL A 508 17.97 -9.73 -9.80
CA VAL A 508 19.31 -9.55 -9.21
C VAL A 508 19.54 -8.08 -8.81
N VAL A 509 19.99 -7.87 -7.58
CA VAL A 509 20.12 -6.52 -7.01
C VAL A 509 21.50 -6.16 -6.46
N ASP A 510 21.83 -4.87 -6.56
CA ASP A 510 23.08 -4.30 -6.05
C ASP A 510 22.76 -3.12 -5.13
N TYR A 511 22.87 -3.36 -3.82
CA TYR A 511 22.52 -2.34 -2.82
C TYR A 511 23.78 -1.76 -2.18
N ARG A 512 23.95 -0.46 -2.34
CA ARG A 512 25.12 0.24 -1.86
C ARG A 512 24.69 1.55 -1.19
N VAL A 513 25.28 1.83 -0.02
CA VAL A 513 24.98 3.07 0.70
C VAL A 513 26.25 3.68 1.32
N THR A 514 26.56 4.89 0.88
CA THR A 514 27.72 5.64 1.34
C THR A 514 27.29 6.83 2.21
N GLY A 515 28.15 7.21 3.15
CA GLY A 515 27.87 8.30 4.07
C GLY A 515 28.86 8.39 5.22
N LEU A 516 28.39 8.93 6.34
CA LEU A 516 29.22 9.12 7.53
C LEU A 516 29.57 7.79 8.21
N ASN A 517 28.55 6.95 8.39
CA ASN A 517 28.72 5.58 8.87
C ASN A 517 29.47 4.72 7.84
N PRO A 518 30.00 3.54 8.25
CA PRO A 518 30.72 2.69 7.30
C PRO A 518 29.84 2.22 6.13
N THR A 519 30.47 2.02 4.96
CA THR A 519 29.76 1.64 3.73
C THR A 519 29.09 0.26 3.84
N ILE A 520 27.82 0.20 3.46
CA ILE A 520 27.11 -1.07 3.35
C ILE A 520 27.09 -1.47 1.88
N ARG A 521 27.50 -2.71 1.60
CA ARG A 521 27.61 -3.18 0.22
C ARG A 521 27.15 -4.62 0.01
N GLU A 522 26.14 -4.79 -0.83
CA GLU A 522 25.71 -6.11 -1.28
C GLU A 522 25.68 -6.20 -2.80
N SER A 523 26.58 -7.01 -3.33
CA SER A 523 26.67 -7.25 -4.77
C SER A 523 26.07 -8.61 -5.11
N GLY A 524 25.46 -8.71 -6.30
CA GLY A 524 24.94 -9.95 -6.82
C GLY A 524 24.00 -10.71 -5.90
N ARG A 525 23.07 -9.99 -5.29
CA ARG A 525 21.98 -10.58 -4.52
C ARG A 525 20.90 -11.08 -5.47
N PHE A 526 20.28 -12.22 -5.13
CA PHE A 526 19.29 -12.85 -6.00
C PHE A 526 17.94 -13.07 -5.31
N ILE A 527 16.87 -12.74 -6.02
CA ILE A 527 15.50 -12.92 -5.53
C ILE A 527 14.70 -13.73 -6.56
N PRO A 528 14.26 -14.95 -6.18
CA PRO A 528 13.49 -15.81 -7.08
C PRO A 528 11.99 -15.57 -7.04
N TYR A 529 11.31 -15.90 -8.14
CA TYR A 529 9.85 -15.92 -8.18
C TYR A 529 9.38 -17.22 -8.83
N VAL A 530 8.74 -18.09 -8.03
CA VAL A 530 8.25 -19.37 -8.52
C VAL A 530 6.77 -19.47 -8.19
N GLY A 531 5.96 -19.81 -9.19
CA GLY A 531 4.52 -19.91 -9.00
C GLY A 531 3.79 -20.79 -10.01
N ALA A 532 2.71 -21.43 -9.56
CA ALA A 532 1.87 -22.24 -10.42
C ALA A 532 0.40 -22.03 -10.14
N VAL A 533 -0.43 -22.09 -11.19
CA VAL A 533 -1.88 -22.02 -11.06
C VAL A 533 -2.60 -23.06 -11.93
N TYR A 534 -3.39 -23.89 -11.26
CA TYR A 534 -4.15 -24.97 -11.91
C TYR A 534 -5.64 -24.66 -11.85
N ASP A 535 -6.36 -25.02 -12.90
CA ASP A 535 -7.79 -24.73 -13.00
C ASP A 535 -8.62 -25.98 -12.79
N LEU A 536 -9.63 -25.87 -11.94
CA LEU A 536 -10.54 -26.98 -11.67
C LEU A 536 -11.82 -26.87 -12.49
N ASN A 537 -12.32 -25.64 -12.63
CA ASN A 537 -13.60 -25.35 -13.27
C ASN A 537 -13.53 -24.15 -14.22
N ASP A 538 -14.67 -23.50 -14.39
CA ASP A 538 -14.74 -22.16 -14.96
C ASP A 538 -14.90 -21.18 -13.79
N THR A 539 -14.71 -21.69 -12.57
CA THR A 539 -14.97 -20.96 -11.34
C THR A 539 -13.76 -20.96 -10.39
N TYR A 540 -13.37 -22.14 -9.90
CA TYR A 540 -12.32 -22.27 -8.90
C TYR A 540 -10.96 -22.65 -9.50
N SER A 541 -9.90 -22.11 -8.89
CA SER A 541 -8.53 -22.42 -9.27
C SER A 541 -7.62 -22.51 -8.05
N VAL A 542 -6.68 -23.45 -8.05
CA VAL A 542 -5.69 -23.56 -6.97
C VAL A 542 -4.34 -23.00 -7.40
N TYR A 543 -3.56 -22.56 -6.43
CA TYR A 543 -2.25 -21.94 -6.70
C TYR A 543 -1.24 -22.14 -5.59
N ALA A 544 0.03 -22.11 -5.97
CA ALA A 544 1.16 -22.15 -5.03
C ALA A 544 2.23 -21.17 -5.50
N SER A 545 2.91 -20.55 -4.55
CA SER A 545 4.00 -19.63 -4.88
C SER A 545 5.11 -19.66 -3.86
N TYR A 546 6.30 -19.26 -4.32
CA TYR A 546 7.48 -19.15 -3.48
C TYR A 546 8.15 -17.82 -3.80
N THR A 547 8.20 -16.94 -2.81
CA THR A 547 8.71 -15.57 -2.98
C THR A 547 9.67 -15.17 -1.86
N ASP A 548 10.42 -14.09 -2.09
CA ASP A 548 11.52 -13.69 -1.20
C ASP A 548 11.79 -12.19 -1.26
N ILE A 549 12.32 -11.65 -0.16
CA ILE A 549 12.79 -10.26 -0.10
C ILE A 549 13.88 -10.12 0.96
N PHE A 550 14.76 -9.14 0.77
CA PHE A 550 15.77 -8.80 1.78
C PHE A 550 15.91 -7.28 1.94
N MET A 551 16.42 -6.86 3.09
CA MET A 551 16.73 -5.45 3.36
C MET A 551 18.01 -5.36 4.18
N PRO A 552 19.05 -4.71 3.63
CA PRO A 552 20.33 -4.52 4.32
C PRO A 552 20.14 -3.80 5.66
N GLN A 553 20.83 -4.31 6.68
CA GLN A 553 20.70 -3.81 8.04
C GLN A 553 21.22 -2.38 8.19
N ASP A 554 20.61 -1.62 9.09
CA ASP A 554 21.08 -0.28 9.40
C ASP A 554 22.35 -0.29 10.25
N SER A 555 23.14 0.77 10.09
CA SER A 555 24.47 0.90 10.68
C SER A 555 24.62 0.42 12.13
N TRP A 556 23.67 0.78 12.99
CA TRP A 556 23.80 0.52 14.43
C TRP A 556 23.46 -0.90 14.89
N TYR A 557 22.91 -1.72 13.99
CA TYR A 557 22.63 -3.12 14.32
C TYR A 557 23.88 -4.00 14.16
N ARG A 558 24.66 -4.10 15.23
CA ARG A 558 25.93 -4.82 15.21
C ARG A 558 26.03 -5.89 16.31
N ASP A 559 26.76 -6.96 16.01
CA ASP A 559 26.93 -8.05 16.97
C ASP A 559 28.01 -7.73 18.00
N SER A 560 28.34 -8.72 18.83
CA SER A 560 29.33 -8.58 19.91
C SER A 560 30.73 -8.23 19.41
N SER A 561 31.02 -8.60 18.18
CA SER A 561 32.33 -8.35 17.57
C SER A 561 32.35 -7.08 16.72
N ASN A 562 31.37 -6.19 16.96
CA ASN A 562 31.24 -4.91 16.26
C ASN A 562 31.07 -5.08 14.74
N LYS A 563 30.67 -6.29 14.33
CA LYS A 563 30.42 -6.59 12.93
C LYS A 563 28.95 -6.41 12.61
N LEU A 564 28.67 -5.92 11.40
CA LEU A 564 27.30 -5.67 10.95
C LEU A 564 26.56 -6.98 10.72
N LEU A 565 25.28 -7.01 11.10
CA LEU A 565 24.42 -8.14 10.81
C LEU A 565 24.21 -8.29 9.31
N GLU A 566 24.02 -9.53 8.86
CA GLU A 566 23.69 -9.78 7.47
C GLU A 566 22.24 -9.34 7.20
N PRO A 567 21.93 -8.91 5.96
CA PRO A 567 20.62 -8.34 5.66
C PRO A 567 19.42 -9.18 6.14
N ASP A 568 18.37 -8.50 6.60
CA ASP A 568 17.15 -9.15 7.06
C ASP A 568 16.37 -9.70 5.86
N GLU A 569 16.25 -11.02 5.82
CA GLU A 569 15.69 -11.70 4.67
C GLU A 569 14.55 -12.64 5.08
N GLY A 570 13.59 -12.82 4.19
CA GLY A 570 12.47 -13.71 4.44
C GLY A 570 11.83 -14.28 3.19
N GLN A 571 11.16 -15.41 3.35
CA GLN A 571 10.51 -16.11 2.24
C GLN A 571 9.02 -16.36 2.55
N ASN A 572 8.19 -16.37 1.51
CA ASN A 572 6.75 -16.56 1.65
C ASN A 572 6.28 -17.82 0.93
N TYR A 573 5.84 -18.81 1.72
CA TYR A 573 5.31 -20.06 1.19
C TYR A 573 3.79 -19.97 1.22
N GLU A 574 3.16 -19.92 0.06
CA GLU A 574 1.71 -19.78 0.00
C GLU A 574 1.06 -20.84 -0.88
N ILE A 575 -0.01 -21.43 -0.35
CA ILE A 575 -0.91 -22.30 -1.13
C ILE A 575 -2.38 -22.00 -0.79
N GLY A 576 -3.23 -22.02 -1.81
CA GLY A 576 -4.66 -21.77 -1.61
C GLY A 576 -5.51 -21.84 -2.85
N ILE A 577 -6.81 -21.57 -2.69
CA ILE A 577 -7.78 -21.65 -3.77
C ILE A 577 -8.49 -20.31 -3.97
N LYS A 578 -8.67 -19.93 -5.24
CA LYS A 578 -9.37 -18.69 -5.58
C LYS A 578 -10.65 -18.97 -6.37
N GLY A 579 -11.62 -18.05 -6.25
CA GLY A 579 -12.89 -18.14 -6.97
C GLY A 579 -13.19 -16.90 -7.79
N GLU A 580 -14.03 -17.08 -8.82
CA GLU A 580 -14.47 -16.00 -9.70
C GLU A 580 -15.88 -16.29 -10.22
N TYR A 581 -16.74 -15.29 -10.15
CA TYR A 581 -18.14 -15.42 -10.59
C TYR A 581 -18.54 -14.20 -11.42
N LEU A 582 -19.67 -14.32 -12.14
CA LEU A 582 -20.21 -13.22 -12.97
C LEU A 582 -19.12 -12.56 -13.80
N ASP A 583 -18.43 -13.37 -14.60
CA ASP A 583 -17.17 -13.01 -15.29
C ASP A 583 -16.36 -11.85 -14.68
N GLY A 584 -16.04 -11.98 -13.40
CA GLY A 584 -15.09 -11.09 -12.74
C GLY A 584 -15.70 -9.96 -11.93
N ARG A 585 -17.02 -10.01 -11.76
CA ARG A 585 -17.72 -9.04 -10.92
C ARG A 585 -17.71 -9.47 -9.46
N LEU A 586 -17.17 -10.66 -9.20
CA LEU A 586 -17.02 -11.20 -7.84
C LEU A 586 -15.82 -12.16 -7.74
N ASN A 587 -15.01 -12.00 -6.70
CA ASN A 587 -13.90 -12.91 -6.41
C ASN A 587 -13.86 -13.40 -4.96
N THR A 588 -13.65 -14.69 -4.77
CA THR A 588 -13.36 -15.26 -3.45
C THR A 588 -11.94 -15.80 -3.42
N SER A 589 -11.35 -15.88 -2.23
CA SER A 589 -10.04 -16.50 -2.04
C SER A 589 -9.84 -17.05 -0.63
N LEU A 590 -9.23 -18.23 -0.53
CA LEU A 590 -8.79 -18.80 0.73
C LEU A 590 -7.38 -19.34 0.57
N ALA A 591 -6.47 -18.82 1.38
CA ALA A 591 -5.04 -19.15 1.27
C ALA A 591 -4.42 -19.52 2.61
N TYR A 592 -3.40 -20.36 2.56
CA TYR A 592 -2.59 -20.67 3.74
C TYR A 592 -1.14 -20.23 3.49
N PHE A 593 -0.60 -19.45 4.41
CA PHE A 593 0.76 -18.93 4.25
C PHE A 593 1.71 -19.32 5.39
N GLU A 594 2.99 -19.08 5.16
CA GLU A 594 4.07 -19.41 6.10
C GLU A 594 5.28 -18.57 5.71
N ILE A 595 5.76 -17.73 6.63
CA ILE A 595 6.91 -16.85 6.38
C ILE A 595 8.08 -17.22 7.28
N HIS A 596 9.22 -17.54 6.66
CA HIS A 596 10.46 -17.82 7.39
C HIS A 596 11.43 -16.65 7.24
N GLU A 597 11.84 -16.08 8.36
CA GLU A 597 12.75 -14.95 8.41
C GLU A 597 14.10 -15.39 8.94
N GLU A 598 15.16 -14.74 8.46
CA GLU A 598 16.50 -14.93 8.99
C GLU A 598 17.21 -13.60 9.16
N ASN A 599 18.07 -13.50 10.17
CA ASN A 599 18.76 -12.26 10.52
C ASN A 599 17.85 -11.19 11.10
N ARG A 600 16.93 -11.62 11.97
CA ARG A 600 16.09 -10.68 12.72
C ARG A 600 16.91 -10.09 13.86
N ALA A 601 17.00 -8.77 13.88
CA ALA A 601 17.78 -8.06 14.90
C ALA A 601 17.06 -8.08 16.25
N GLU A 602 17.68 -8.74 17.23
CA GLU A 602 17.15 -8.78 18.57
C GLU A 602 18.22 -8.45 19.63
N GLU A 603 17.84 -8.50 20.90
CA GLU A 603 18.64 -8.00 22.02
C GLU A 603 20.03 -8.65 22.21
N ASP A 604 20.05 -9.84 22.80
CA ASP A 604 21.26 -10.45 23.39
C ASP A 604 21.58 -9.80 24.74
N ALA A 605 20.82 -10.21 25.77
CA ALA A 605 20.99 -9.70 27.13
C ALA A 605 22.26 -10.26 27.78
N LEU A 606 22.75 -11.38 27.26
CA LEU A 606 23.99 -12.00 27.71
C LEU A 606 25.17 -11.02 27.64
N TYR A 607 25.28 -10.30 26.53
CA TYR A 607 26.29 -9.27 26.35
C TYR A 607 25.89 -7.97 27.05
N ASN A 608 24.61 -7.62 26.96
CA ASN A 608 24.12 -6.36 27.51
C ASN A 608 24.10 -6.27 29.03
N SER A 609 24.21 -7.41 29.71
CA SER A 609 24.33 -7.44 31.17
C SER A 609 25.75 -7.05 31.60
N LYS A 610 26.74 -7.47 30.82
CA LYS A 610 28.15 -7.25 31.13
C LYS A 610 29.01 -7.15 29.85
N PRO A 611 29.02 -5.95 29.21
CA PRO A 611 29.74 -5.75 27.95
C PRO A 611 31.23 -6.06 28.03
N THR A 612 31.79 -6.50 26.92
CA THR A 612 33.20 -6.92 26.83
C THR A 612 33.99 -6.02 25.88
N ASN A 613 33.43 -5.80 24.70
CA ASN A 613 34.09 -5.03 23.65
C ASN A 613 33.91 -3.52 23.86
N PRO A 614 35.03 -2.79 24.01
CA PRO A 614 35.01 -1.34 24.25
C PRO A 614 34.45 -0.48 23.11
N ALA A 615 34.38 -1.05 21.90
CA ALA A 615 33.88 -0.31 20.73
C ALA A 615 32.35 -0.27 20.62
N ILE A 616 31.68 -1.13 21.37
CA ILE A 616 30.21 -1.16 21.42
C ILE A 616 29.66 -1.47 22.80
N THR A 617 28.55 -0.83 23.14
CA THR A 617 27.90 -1.01 24.44
C THR A 617 26.59 -1.79 24.28
N TYR A 618 25.75 -1.33 23.36
CA TYR A 618 24.52 -2.02 23.00
C TYR A 618 24.79 -2.86 21.75
N ALA A 619 24.68 -4.17 21.88
CA ALA A 619 24.88 -5.09 20.75
C ALA A 619 23.61 -5.88 20.42
N TYR A 620 23.58 -6.47 19.22
CA TYR A 620 22.41 -7.22 18.76
C TYR A 620 22.71 -8.67 18.38
N LYS A 621 21.64 -9.47 18.27
CA LYS A 621 21.73 -10.84 17.81
C LYS A 621 20.83 -11.05 16.60
N GLY A 622 21.35 -11.74 15.59
CA GLY A 622 20.57 -12.09 14.39
C GLY A 622 19.89 -13.44 14.54
N ILE A 623 18.58 -13.42 14.75
CA ILE A 623 17.83 -14.66 14.97
C ILE A 623 16.74 -14.89 13.91
N LYS A 624 16.11 -16.07 13.95
CA LYS A 624 15.11 -16.48 12.96
C LYS A 624 13.71 -16.42 13.54
N ALA A 625 12.72 -16.15 12.69
CA ALA A 625 11.32 -16.04 13.09
C ALA A 625 10.41 -16.71 12.07
N LYS A 626 9.17 -17.01 12.47
CA LYS A 626 8.27 -17.81 11.64
C LYS A 626 6.79 -17.52 11.88
N THR A 627 6.16 -16.90 10.89
CA THR A 627 4.71 -16.70 10.89
C THR A 627 4.05 -17.90 10.22
N LYS A 628 3.02 -18.45 10.85
CA LYS A 628 2.15 -19.44 10.19
C LYS A 628 0.67 -19.15 10.40
N GLY A 629 -0.03 -18.87 9.31
CA GLY A 629 -1.46 -18.54 9.35
C GLY A 629 -2.18 -18.66 8.02
N TYR A 630 -3.47 -18.32 8.03
CA TYR A 630 -4.33 -18.46 6.85
C TYR A 630 -5.28 -17.27 6.71
N GLU A 631 -5.87 -17.14 5.52
CA GLU A 631 -6.65 -15.96 5.16
C GLU A 631 -7.79 -16.25 4.18
N ALA A 632 -8.94 -15.61 4.41
CA ALA A 632 -10.12 -15.75 3.57
C ALA A 632 -10.77 -14.40 3.30
N GLU A 633 -10.94 -14.06 2.03
CA GLU A 633 -11.59 -12.80 1.67
C GLU A 633 -12.49 -12.88 0.44
N ILE A 634 -13.29 -11.82 0.24
CA ILE A 634 -14.28 -11.75 -0.81
C ILE A 634 -14.49 -10.27 -1.19
N SER A 635 -14.66 -9.99 -2.49
CA SER A 635 -14.98 -8.63 -2.94
C SER A 635 -15.79 -8.61 -4.24
N GLY A 636 -16.64 -7.60 -4.37
CA GLY A 636 -17.40 -7.38 -5.60
C GLY A 636 -18.91 -7.43 -5.46
N GLU A 637 -19.57 -7.92 -6.51
CA GLU A 637 -21.02 -8.01 -6.58
C GLU A 637 -21.55 -9.25 -5.87
N LEU A 638 -22.50 -9.05 -4.96
CA LEU A 638 -23.17 -10.13 -4.25
C LEU A 638 -24.58 -10.31 -4.84
N ALA A 639 -25.13 -9.20 -5.32
CA ALA A 639 -26.43 -9.14 -6.00
C ALA A 639 -26.39 -7.89 -6.89
N PRO A 640 -27.30 -7.79 -7.88
CA PRO A 640 -27.32 -6.67 -8.83
C PRO A 640 -26.65 -5.38 -8.35
N GLY A 641 -27.23 -4.72 -7.34
CA GLY A 641 -26.67 -3.48 -6.81
C GLY A 641 -26.19 -3.58 -5.37
N TRP A 642 -25.53 -4.69 -5.05
CA TRP A 642 -25.08 -4.98 -3.68
C TRP A 642 -23.60 -5.34 -3.66
N GLN A 643 -22.78 -4.40 -3.18
CA GLN A 643 -21.32 -4.54 -3.22
C GLN A 643 -20.72 -4.84 -1.85
N VAL A 644 -19.62 -5.61 -1.84
CA VAL A 644 -19.00 -6.07 -0.60
C VAL A 644 -17.47 -6.01 -0.64
N GLN A 645 -16.86 -5.78 0.51
CA GLN A 645 -15.43 -5.97 0.73
C GLN A 645 -15.25 -6.50 2.15
N ALA A 646 -14.73 -7.73 2.26
CA ALA A 646 -14.64 -8.40 3.56
C ALA A 646 -13.53 -9.44 3.60
N GLY A 647 -12.98 -9.67 4.80
CA GLY A 647 -11.93 -10.68 4.98
C GLY A 647 -11.75 -11.16 6.42
N TYR A 648 -11.19 -12.37 6.55
CA TYR A 648 -10.78 -12.91 7.85
C TYR A 648 -9.31 -13.34 7.77
N THR A 649 -8.55 -13.00 8.80
CA THR A 649 -7.13 -13.32 8.84
C THR A 649 -6.71 -13.88 10.21
N HIS A 650 -5.98 -14.98 10.19
CA HIS A 650 -5.46 -15.61 11.42
C HIS A 650 -3.95 -15.75 11.32
N LYS A 651 -3.24 -15.27 12.33
CA LYS A 651 -1.77 -15.35 12.36
C LYS A 651 -1.16 -15.57 13.75
N ILE A 652 -0.04 -16.30 13.78
CA ILE A 652 0.80 -16.45 14.97
C ILE A 652 2.27 -16.42 14.52
N ILE A 653 3.05 -15.51 15.09
CA ILE A 653 4.48 -15.38 14.75
C ILE A 653 5.37 -15.65 15.97
N ARG A 654 6.41 -16.47 15.77
CA ARG A 654 7.31 -16.88 16.87
C ARG A 654 8.79 -16.59 16.60
N ASP A 655 9.56 -16.49 17.69
CA ASP A 655 11.02 -16.34 17.64
C ASP A 655 11.74 -17.59 17.11
N ASP A 656 12.93 -17.86 17.63
CA ASP A 656 13.61 -19.11 17.38
C ASP A 656 13.84 -19.81 18.72
N SER A 657 13.63 -19.06 19.80
CA SER A 657 13.57 -19.63 21.15
C SER A 657 12.21 -20.27 21.34
N GLY A 658 11.19 -19.63 20.76
CA GLY A 658 9.81 -20.12 20.82
C GLY A 658 8.87 -19.21 21.57
N LYS A 659 9.03 -17.90 21.37
CA LYS A 659 8.14 -16.92 22.00
C LYS A 659 7.48 -16.01 20.98
N LYS A 660 6.30 -15.53 21.32
CA LYS A 660 5.48 -14.74 20.41
C LYS A 660 5.99 -13.31 20.27
N VAL A 661 6.06 -12.83 19.04
CA VAL A 661 6.42 -11.44 18.76
C VAL A 661 5.21 -10.75 18.14
N SER A 662 5.27 -9.41 18.05
CA SER A 662 4.17 -8.59 17.55
C SER A 662 2.83 -8.95 18.22
N THR A 663 2.89 -9.19 19.53
CA THR A 663 1.72 -9.59 20.32
C THR A 663 0.64 -8.51 20.34
N TRP A 664 1.01 -7.30 19.93
CA TRP A 664 0.07 -6.19 19.83
C TRP A 664 -0.81 -6.33 18.59
N GLU A 665 -0.30 -7.00 17.55
CA GLU A 665 -1.11 -7.39 16.41
C GLU A 665 -1.92 -8.64 16.78
N PRO A 666 -3.26 -8.54 16.73
CA PRO A 666 -4.17 -9.61 17.12
C PRO A 666 -4.01 -10.87 16.27
N GLN A 667 -4.26 -12.03 16.89
CA GLN A 667 -4.10 -13.32 16.24
C GLN A 667 -5.25 -13.64 15.30
N ASP A 668 -6.44 -13.12 15.63
CA ASP A 668 -7.62 -13.29 14.79
C ASP A 668 -8.24 -11.94 14.49
N GLN A 669 -8.61 -11.70 13.23
CA GLN A 669 -9.27 -10.45 12.84
C GLN A 669 -10.32 -10.62 11.74
N LEU A 670 -11.38 -9.83 11.83
CA LEU A 670 -12.49 -9.88 10.89
C LEU A 670 -12.91 -8.48 10.44
N SER A 671 -12.91 -8.27 9.13
CA SER A 671 -13.34 -7.01 8.53
C SER A 671 -14.46 -7.25 7.53
N LEU A 672 -15.47 -6.38 7.52
CA LEU A 672 -16.61 -6.49 6.59
C LEU A 672 -17.22 -5.13 6.29
N TYR A 673 -17.34 -4.79 5.02
CA TYR A 673 -17.91 -3.51 4.59
C TYR A 673 -18.82 -3.70 3.38
N THR A 674 -20.06 -3.22 3.48
CA THR A 674 -21.03 -3.40 2.39
C THR A 674 -21.87 -2.15 2.09
N SER A 675 -22.51 -2.18 0.92
CA SER A 675 -23.39 -1.11 0.48
C SER A 675 -24.46 -1.66 -0.45
N TYR A 676 -25.68 -1.14 -0.33
CA TYR A 676 -26.78 -1.54 -1.20
C TYR A 676 -27.38 -0.35 -1.94
N LYS A 677 -27.55 -0.51 -3.25
CA LYS A 677 -28.22 0.47 -4.11
C LYS A 677 -29.67 0.05 -4.33
N PHE A 678 -30.60 0.96 -4.01
CA PHE A 678 -32.03 0.65 -4.11
C PHE A 678 -32.57 0.63 -5.54
N LYS A 679 -33.66 -0.14 -5.72
CA LYS A 679 -34.33 -0.29 -7.00
C LYS A 679 -35.59 0.56 -7.09
N GLY A 680 -36.16 0.65 -8.28
CA GLY A 680 -37.44 1.33 -8.51
C GLY A 680 -37.37 2.84 -8.39
N ALA A 681 -38.50 3.45 -8.04
CA ALA A 681 -38.62 4.91 -7.96
C ALA A 681 -37.63 5.55 -7.00
N LEU A 682 -37.05 4.74 -6.11
CA LEU A 682 -36.07 5.21 -5.13
C LEU A 682 -34.64 4.75 -5.46
N ASP A 683 -34.33 4.64 -6.75
CA ASP A 683 -32.99 4.29 -7.19
C ASP A 683 -32.01 5.46 -7.06
N LYS A 684 -32.41 6.44 -6.25
CA LYS A 684 -31.57 7.60 -5.96
C LYS A 684 -30.96 7.52 -4.55
N LEU A 685 -31.31 6.47 -3.82
CA LEU A 685 -30.87 6.28 -2.44
C LEU A 685 -29.88 5.11 -2.33
N THR A 686 -28.85 5.30 -1.50
CA THR A 686 -27.83 4.29 -1.25
C THR A 686 -27.56 4.19 0.25
N VAL A 687 -27.55 2.96 0.76
CA VAL A 687 -27.31 2.72 2.19
C VAL A 687 -26.18 1.71 2.39
N GLY A 688 -25.24 2.06 3.26
CA GLY A 688 -24.08 1.21 3.54
C GLY A 688 -23.69 1.14 5.00
N GLY A 689 -22.63 0.39 5.28
CA GLY A 689 -22.12 0.22 6.63
C GLY A 689 -20.89 -0.66 6.70
N GLY A 690 -20.31 -0.74 7.90
CA GLY A 690 -19.13 -1.55 8.15
C GLY A 690 -19.08 -2.11 9.55
N ALA A 691 -18.36 -3.22 9.71
CA ALA A 691 -18.17 -3.86 11.00
C ALA A 691 -16.78 -4.46 11.07
N ARG A 692 -15.99 -3.99 12.03
CA ARG A 692 -14.63 -4.45 12.21
C ARG A 692 -14.45 -5.06 13.59
N TRP A 693 -13.92 -6.28 13.62
CA TRP A 693 -13.66 -6.98 14.87
C TRP A 693 -12.25 -7.54 14.88
N GLN A 694 -11.60 -7.50 16.04
CA GLN A 694 -10.32 -8.15 16.23
C GLN A 694 -10.23 -8.84 17.57
N GLY A 695 -9.44 -9.92 17.62
CA GLY A 695 -9.22 -10.68 18.83
C GLY A 695 -8.31 -9.93 19.78
N LYS A 696 -8.17 -10.47 20.99
CA LYS A 696 -7.38 -9.85 22.04
C LYS A 696 -5.91 -9.70 21.62
N SER A 697 -5.32 -8.58 22.02
CA SER A 697 -3.90 -8.35 21.86
C SER A 697 -3.29 -7.82 23.16
N TRP A 698 -1.98 -7.93 23.30
CA TRP A 698 -1.30 -7.53 24.53
C TRP A 698 0.14 -7.06 24.27
N GLN A 699 0.69 -6.29 25.20
CA GLN A 699 2.11 -5.92 25.18
C GLN A 699 2.74 -6.12 26.54
N MET A 700 3.97 -6.63 26.55
CA MET A 700 4.74 -6.79 27.78
C MET A 700 5.57 -5.53 28.01
N VAL A 701 5.30 -4.83 29.12
CA VAL A 701 6.00 -3.58 29.42
C VAL A 701 6.80 -3.70 30.73
N TYR A 702 7.83 -2.86 30.86
CA TYR A 702 8.62 -2.79 32.08
C TYR A 702 8.24 -1.58 32.95
N ASN A 703 7.86 -1.85 34.19
CA ASN A 703 7.63 -0.81 35.18
C ASN A 703 8.97 -0.44 35.82
N ASN A 704 9.43 0.77 35.56
CA ASN A 704 10.76 1.20 36.03
C ASN A 704 10.83 1.54 37.53
N PRO A 705 9.90 2.38 38.03
CA PRO A 705 9.92 2.69 39.46
C PRO A 705 9.81 1.44 40.35
N ARG A 706 8.98 0.48 39.94
CA ARG A 706 8.71 -0.72 40.75
C ARG A 706 9.50 -1.96 40.29
N SER A 707 10.39 -1.76 39.31
CA SER A 707 11.34 -2.77 38.84
C SER A 707 10.73 -4.15 38.54
N ARG A 708 9.71 -4.15 37.69
CA ARG A 708 9.04 -5.39 37.27
C ARG A 708 8.49 -5.31 35.84
N TRP A 709 8.46 -6.47 35.17
CA TRP A 709 7.74 -6.60 33.91
C TRP A 709 6.25 -6.77 34.22
N GLU A 710 5.42 -6.00 33.53
CA GLU A 710 3.97 -6.06 33.71
C GLU A 710 3.27 -6.35 32.39
N LYS A 711 2.10 -6.98 32.48
CA LYS A 711 1.31 -7.33 31.30
C LYS A 711 0.15 -6.35 31.09
N PHE A 712 0.01 -5.86 29.86
CA PHE A 712 -1.07 -4.96 29.48
C PHE A 712 -1.88 -5.56 28.33
N SER A 713 -3.18 -5.72 28.55
CA SER A 713 -4.05 -6.41 27.59
C SER A 713 -5.20 -5.54 27.09
N GLN A 714 -5.50 -5.66 25.80
CA GLN A 714 -6.71 -5.09 25.23
C GLN A 714 -7.67 -6.22 24.83
N GLU A 715 -8.88 -6.16 25.37
CA GLU A 715 -9.93 -7.12 25.05
C GLU A 715 -10.33 -7.04 23.58
N ASP A 716 -11.00 -8.08 23.10
CA ASP A 716 -11.62 -8.07 21.77
C ASP A 716 -12.70 -7.00 21.71
N TYR A 717 -12.74 -6.24 20.62
CA TYR A 717 -13.69 -5.14 20.46
C TYR A 717 -14.23 -5.03 19.03
N TRP A 718 -15.46 -4.52 18.92
CA TRP A 718 -16.08 -4.25 17.62
C TRP A 718 -15.91 -2.79 17.21
N LEU A 719 -15.97 -2.53 15.90
CA LEU A 719 -15.95 -1.18 15.34
C LEU A 719 -16.92 -1.03 14.17
N VAL A 720 -18.04 -0.35 14.42
CA VAL A 720 -19.12 -0.26 13.46
C VAL A 720 -19.22 1.14 12.85
N ASP A 721 -19.48 1.19 11.55
CA ASP A 721 -19.77 2.44 10.83
C ASP A 721 -21.01 2.30 9.97
N LEU A 722 -21.71 3.41 9.74
CA LEU A 722 -22.94 3.42 8.92
C LEU A 722 -22.90 4.55 7.88
N MET A 723 -23.67 4.39 6.80
CA MET A 723 -23.58 5.30 5.66
C MET A 723 -24.89 5.41 4.86
N ALA A 724 -25.21 6.63 4.44
CA ALA A 724 -26.40 6.91 3.63
C ALA A 724 -26.13 8.04 2.63
N ARG A 725 -26.66 7.90 1.42
CA ARG A 725 -26.39 8.84 0.34
C ARG A 725 -27.61 9.04 -0.53
N TYR A 726 -27.78 10.25 -1.05
CA TYR A 726 -28.88 10.55 -1.96
C TYR A 726 -28.39 11.28 -3.22
N GLN A 727 -28.87 10.84 -4.39
CA GLN A 727 -28.59 11.55 -5.64
C GLN A 727 -29.69 12.59 -5.90
N ILE A 728 -29.43 13.79 -5.39
CA ILE A 728 -30.45 14.85 -5.28
C ILE A 728 -30.91 15.37 -6.64
N THR A 729 -30.10 16.21 -7.25
CA THR A 729 -30.49 16.93 -8.47
C THR A 729 -30.46 16.04 -9.70
N ASP A 730 -29.29 15.44 -9.95
CA ASP A 730 -28.96 14.80 -11.22
C ASP A 730 -27.46 14.96 -11.33
N LYS A 731 -26.98 16.06 -10.76
CA LYS A 731 -25.56 16.35 -10.65
C LYS A 731 -25.17 16.44 -9.18
N LEU A 732 -26.07 16.99 -8.36
CA LEU A 732 -25.79 17.19 -6.94
C LEU A 732 -26.14 15.96 -6.10
N SER A 733 -25.21 15.58 -5.23
CA SER A 733 -25.40 14.46 -4.32
C SER A 733 -24.95 14.82 -2.90
N ALA A 734 -25.52 14.14 -1.91
CA ALA A 734 -25.13 14.33 -0.52
C ALA A 734 -24.99 13.00 0.18
N SER A 735 -24.05 12.92 1.11
CA SER A 735 -23.83 11.71 1.89
C SER A 735 -23.54 12.01 3.36
N VAL A 736 -23.77 11.00 4.20
CA VAL A 736 -23.38 11.04 5.61
C VAL A 736 -22.63 9.75 5.97
N ASN A 737 -21.51 9.91 6.67
CA ASN A 737 -20.79 8.79 7.26
C ASN A 737 -20.74 8.91 8.77
N VAL A 738 -21.02 7.82 9.47
CA VAL A 738 -20.91 7.78 10.92
C VAL A 738 -19.96 6.66 11.31
N ASN A 739 -18.76 7.03 11.76
CA ASN A 739 -17.76 6.05 12.20
C ASN A 739 -17.80 5.87 13.72
N ASN A 740 -17.50 4.65 14.19
CA ASN A 740 -17.63 4.29 15.61
C ASN A 740 -19.00 4.69 16.18
N VAL A 741 -20.05 4.14 15.57
CA VAL A 741 -21.44 4.41 15.94
C VAL A 741 -21.68 4.22 17.44
N PHE A 742 -21.06 3.19 18.01
CA PHE A 742 -21.27 2.81 19.42
C PHE A 742 -20.28 3.46 20.41
N ASP A 743 -19.50 4.43 19.93
CA ASP A 743 -18.59 5.21 20.78
C ASP A 743 -17.73 4.31 21.68
N LYS A 744 -17.15 3.26 21.10
CA LYS A 744 -16.32 2.33 21.85
C LYS A 744 -15.04 3.02 22.31
N THR A 745 -14.80 2.97 23.61
CA THR A 745 -13.55 3.48 24.19
C THR A 745 -12.56 2.34 24.24
N TYR A 746 -11.47 2.48 23.48
CA TYR A 746 -10.47 1.43 23.30
C TYR A 746 -9.09 2.02 23.01
N TYR A 747 -8.06 1.18 23.08
CA TYR A 747 -6.68 1.65 22.84
C TYR A 747 -6.14 1.21 21.46
N THR A 748 -5.21 2.01 20.92
CA THR A 748 -4.60 1.72 19.63
C THR A 748 -3.08 1.48 19.73
N ASN A 749 -2.53 1.75 20.92
CA ASN A 749 -1.12 1.56 21.22
C ASN A 749 -0.89 1.44 22.72
N ILE A 750 -0.03 0.50 23.12
CA ILE A 750 0.41 0.41 24.51
C ILE A 750 1.95 0.52 24.62
N GLY A 751 2.65 -0.61 24.52
CA GLY A 751 4.09 -0.69 24.86
C GLY A 751 5.09 0.29 24.28
N PHE A 752 4.68 1.09 23.30
CA PHE A 752 5.57 2.04 22.62
C PHE A 752 6.08 3.15 23.55
N TYR A 753 7.29 2.93 24.09
CA TYR A 753 7.93 3.86 25.03
C TYR A 753 7.14 4.11 26.32
N THR A 754 6.55 3.04 26.83
CA THR A 754 5.78 3.04 28.08
C THR A 754 4.66 4.09 28.01
N SER A 755 4.04 4.22 26.84
CA SER A 755 2.97 5.19 26.61
C SER A 755 1.65 4.53 26.27
N ALA A 756 0.66 5.33 25.91
CA ALA A 756 -0.65 4.84 25.46
C ALA A 756 -1.35 5.81 24.50
N SER A 757 -2.23 5.28 23.65
CA SER A 757 -3.02 6.09 22.72
C SER A 757 -4.42 5.52 22.54
N TYR A 758 -5.44 6.37 22.73
CA TYR A 758 -6.84 5.98 22.55
C TYR A 758 -7.22 5.91 21.07
N GLY A 759 -8.34 5.26 20.79
CA GLY A 759 -8.90 5.20 19.44
C GLY A 759 -10.04 6.21 19.24
N ASP A 760 -10.31 6.55 17.98
CA ASP A 760 -11.29 7.57 17.62
C ASP A 760 -12.69 7.32 18.21
N PRO A 761 -13.22 8.28 18.96
CA PRO A 761 -14.61 8.31 19.43
C PRO A 761 -15.60 8.41 18.26
N ARG A 762 -16.88 8.62 18.57
CA ARG A 762 -17.92 8.74 17.55
C ARG A 762 -17.53 9.75 16.47
N ASN A 763 -17.92 9.47 15.23
CA ASN A 763 -17.53 10.28 14.08
C ASN A 763 -18.68 10.62 13.17
N LEU A 764 -18.65 11.84 12.63
CA LEU A 764 -19.54 12.20 11.53
C LEU A 764 -18.77 12.96 10.46
N MET A 765 -19.21 12.79 9.22
CA MET A 765 -18.70 13.56 8.09
C MET A 765 -19.80 13.66 7.05
N PHE A 766 -20.15 14.90 6.72
CA PHE A 766 -21.16 15.18 5.71
C PHE A 766 -20.48 15.64 4.43
N SER A 767 -21.09 15.35 3.29
CA SER A 767 -20.48 15.69 2.01
C SER A 767 -21.48 16.21 0.99
N THR A 768 -20.97 16.93 0.00
CA THR A 768 -21.75 17.40 -1.14
C THR A 768 -20.86 17.41 -2.38
N ARG A 769 -21.32 16.75 -3.45
CA ARG A 769 -20.56 16.65 -4.70
C ARG A 769 -21.37 17.15 -5.90
N TRP A 770 -20.70 17.90 -6.79
CA TRP A 770 -21.39 18.58 -7.90
C TRP A 770 -21.37 17.86 -9.25
N ASP A 771 -20.19 17.44 -9.71
CA ASP A 771 -20.02 16.85 -11.06
C ASP A 771 -20.38 17.83 -12.18
N PHE A 772 -19.37 18.47 -12.78
CA PHE A 772 -19.59 19.38 -13.91
C PHE A 772 -20.09 18.61 -15.13
N ARG B 2 15.73 3.63 15.68
CA ARG B 2 16.03 4.75 14.80
C ARG B 2 16.90 5.66 15.62
N LYS B 5 17.84 10.23 20.02
CA LYS B 5 18.09 10.31 21.45
C LYS B 5 16.91 10.88 22.19
N THR B 7 15.19 10.06 25.74
CA THR B 7 15.57 10.36 27.11
C THR B 7 17.01 10.00 27.29
N THR B 8 17.43 9.02 26.48
CA THR B 8 18.76 8.42 26.40
C THR B 8 19.79 9.28 25.70
#